data_1PZ3
#
_entry.id   1PZ3
#
_cell.length_a   179.430
_cell.length_b   179.430
_cell.length_c   100.231
_cell.angle_alpha   90.00
_cell.angle_beta   90.00
_cell.angle_gamma   120.00
#
_symmetry.space_group_name_H-M   'H 3'
#
loop_
_entity.id
_entity.type
_entity.pdbx_description
1 polymer Alpha-L-arabinofuranosidase
2 non-polymer GLYCEROL
3 water water
#
_entity_poly.entity_id   1
_entity_poly.type   'polypeptide(L)'
_entity_poly.pdbx_seq_one_letter_code
;MATKKATMIIEKDFKIAEIDKRIYGSFIEHLGRAVYGGIYEPGHPQADENGFRQDVIELVKELQVPIIRYPGGNFVSGYN
WEDGVGPKEQRPRRLDLAWKSVETNEIGLNEFMDWAKMVGAEVNMAVNLGTRGIDAARNLVEYCNHPSGSYYSDLRIAHG
YKEPHKIKTWCLGNEMDGPWQIGHKTAVEYGRIACEAAKVMKWVDPTIELVVCGSSNRNMPTFAEWEATVLDHTYDHVDY
ISLHQYYGNRDNDTANYLALSLEMDDFIRSVVAIADYVKAKKRSKKTIHLSFDEWNVWYHSNEADKLIEPWTVAPPLLED
IYNFEDALLVGCMLITLMKHADRVKIACLAQLVNVIAPIMTEKNGPAWKQTIYYPFMHASVYGRGVALHPVISSPKYDSK
DFTDVPYLESIAVYNEEKEEVTIFAVNRDMEDALLLECDVRSFEDYRVIEHIVLEHDNVKQTNSAQSSPVVPHRNGDAQL
SDRKVSATLPKLSWNVIRLGKR
;
_entity_poly.pdbx_strand_id   A,B
#
loop_
_chem_comp.id
_chem_comp.type
_chem_comp.name
_chem_comp.formula
GOL non-polymer GLYCEROL 'C3 H8 O3'
#
# COMPACT_ATOMS: atom_id res chain seq x y z
N LYS A 5 28.06 3.95 -12.51
CA LYS A 5 27.09 3.36 -13.50
C LYS A 5 25.74 2.93 -12.89
N ALA A 6 24.65 3.27 -13.58
CA ALA A 6 23.30 2.88 -13.19
C ALA A 6 22.53 2.39 -14.40
N THR A 7 21.53 1.54 -14.20
CA THR A 7 20.70 1.13 -15.32
C THR A 7 19.23 1.35 -15.02
N MET A 8 18.43 1.27 -16.08
CA MET A 8 16.99 1.50 -16.01
C MET A 8 16.34 0.68 -17.09
N ILE A 9 15.19 0.10 -16.81
CA ILE A 9 14.36 -0.43 -17.89
C ILE A 9 13.24 0.55 -18.16
N ILE A 10 13.03 0.84 -19.43
CA ILE A 10 11.97 1.73 -19.87
C ILE A 10 11.01 0.92 -20.73
N GLU A 11 10.03 0.30 -20.05
CA GLU A 11 9.06 -0.58 -20.69
C GLU A 11 7.67 0.02 -20.65
N LYS A 12 7.17 0.30 -21.84
CA LYS A 12 5.84 0.82 -22.06
C LYS A 12 4.77 0.07 -21.26
N ASP A 13 4.91 -1.24 -21.14
CA ASP A 13 3.89 -2.06 -20.50
C ASP A 13 4.05 -2.18 -18.99
N PHE A 14 5.12 -1.63 -18.41
CA PHE A 14 5.25 -1.56 -16.95
C PHE A 14 4.91 -0.12 -16.50
N LYS A 15 3.63 0.14 -16.27
CA LYS A 15 3.13 1.52 -16.03
C LYS A 15 2.68 1.70 -14.59
N ILE A 16 2.91 2.91 -14.06
CA ILE A 16 2.35 3.28 -12.78
C ILE A 16 0.92 3.78 -13.02
N ALA A 17 0.79 4.85 -13.83
CA ALA A 17 -0.49 5.49 -14.10
C ALA A 17 -0.33 6.69 -15.00
N GLU A 18 -1.41 7.10 -15.63
CA GLU A 18 -1.49 8.40 -16.26
C GLU A 18 -1.26 9.45 -15.19
N ILE A 19 -0.37 10.40 -15.49
CA ILE A 19 -0.13 11.53 -14.62
C ILE A 19 -1.30 12.49 -14.76
N ASP A 20 -1.91 12.83 -13.61
CA ASP A 20 -2.90 13.90 -13.54
C ASP A 20 -2.11 15.22 -13.61
N LYS A 21 -2.39 16.06 -14.60
CA LYS A 21 -1.65 17.31 -14.78
C LYS A 21 -1.70 18.22 -13.56
N ARG A 22 -2.69 18.00 -12.72
CA ARG A 22 -2.79 18.82 -11.51
C ARG A 22 -1.69 18.56 -10.49
N ILE A 23 -0.85 17.54 -10.69
CA ILE A 23 0.38 17.44 -9.90
C ILE A 23 1.38 18.56 -10.13
N TYR A 24 1.16 19.35 -11.18
CA TYR A 24 1.97 20.49 -11.47
C TYR A 24 1.23 21.77 -11.09
N GLY A 25 0.39 21.68 -10.07
CA GLY A 25 -0.26 22.85 -9.54
C GLY A 25 0.59 23.74 -8.67
N SER A 26 0.01 24.85 -8.23
CA SER A 26 0.68 25.73 -7.26
C SER A 26 -0.40 26.35 -6.36
N PHE A 27 -0.06 27.45 -5.71
CA PHE A 27 -0.77 27.96 -4.56
C PHE A 27 -0.41 29.44 -4.36
N ILE A 28 -1.43 30.27 -4.22
CA ILE A 28 -1.27 31.65 -3.80
C ILE A 28 -2.13 31.93 -2.60
N GLU A 29 -1.50 32.40 -1.53
CA GLU A 29 -2.21 32.83 -0.30
C GLU A 29 -2.16 34.34 -0.20
N HIS A 30 -3.12 34.93 0.52
CA HIS A 30 -2.96 36.32 0.96
C HIS A 30 -1.95 36.32 2.09
N LEU A 31 -0.69 36.36 1.70
CA LEU A 31 0.44 36.25 2.58
C LEU A 31 1.51 37.13 1.98
N GLY A 32 2.07 38.03 2.77
CA GLY A 32 3.19 38.86 2.33
C GLY A 32 2.92 39.55 1.01
N ARG A 33 3.83 39.35 0.06
CA ARG A 33 3.74 39.98 -1.25
C ARG A 33 3.28 39.01 -2.37
N ALA A 34 2.66 37.89 -2.02
CA ALA A 34 2.16 36.97 -3.03
C ALA A 34 1.08 37.60 -3.91
N VAL A 35 0.14 38.30 -3.30
CA VAL A 35 -0.90 38.99 -4.02
C VAL A 35 -0.45 40.44 -4.23
N TYR A 36 -0.29 41.17 -3.13
CA TYR A 36 0.00 42.60 -3.22
C TYR A 36 1.50 42.84 -3.46
N GLY A 37 1.83 43.25 -4.69
CA GLY A 37 3.19 43.35 -5.18
C GLY A 37 3.71 42.10 -5.88
N GLY A 38 2.83 41.10 -6.01
CA GLY A 38 3.14 39.83 -6.65
C GLY A 38 2.34 39.71 -7.92
N ILE A 39 1.15 39.12 -7.86
CA ILE A 39 0.27 39.12 -9.01
C ILE A 39 -0.36 40.46 -9.32
N TYR A 40 -0.50 41.33 -8.33
CA TYR A 40 -1.32 42.55 -8.43
C TYR A 40 -0.55 43.75 -7.93
N GLU A 41 -0.30 44.71 -8.82
CA GLU A 41 0.47 45.89 -8.49
C GLU A 41 0.04 47.03 -9.40
N PRO A 42 -1.04 47.71 -9.02
CA PRO A 42 -1.61 48.73 -9.90
C PRO A 42 -0.64 49.86 -10.27
N GLY A 43 0.32 50.21 -9.44
CA GLY A 43 1.27 51.25 -9.82
C GLY A 43 2.32 50.85 -10.85
N HIS A 44 2.39 49.58 -11.22
CA HIS A 44 3.55 49.06 -11.95
C HIS A 44 3.41 49.39 -13.42
N PRO A 45 4.51 49.79 -14.09
CA PRO A 45 4.44 50.16 -15.50
C PRO A 45 3.93 49.06 -16.40
N GLN A 46 4.14 47.80 -15.99
CA GLN A 46 3.70 46.64 -16.75
C GLN A 46 2.36 46.03 -16.24
N ALA A 47 1.65 46.76 -15.40
CA ALA A 47 0.31 46.35 -14.94
C ALA A 47 -0.70 46.47 -16.07
N ASP A 48 -1.61 45.51 -16.16
CA ASP A 48 -2.68 45.59 -17.12
C ASP A 48 -3.82 46.50 -16.61
N GLU A 49 -4.89 46.57 -17.39
CA GLU A 49 -6.04 47.42 -17.09
C GLU A 49 -6.63 47.13 -15.72
N ASN A 50 -6.47 45.89 -15.24
CA ASN A 50 -6.98 45.51 -13.91
C ASN A 50 -5.93 45.45 -12.81
N GLY A 51 -4.72 45.97 -13.08
CA GLY A 51 -3.68 46.02 -12.08
C GLY A 51 -2.77 44.82 -11.97
N PHE A 52 -3.00 43.80 -12.80
CA PHE A 52 -2.19 42.58 -12.74
C PHE A 52 -0.89 42.76 -13.49
N ARG A 53 0.20 42.35 -12.87
CA ARG A 53 1.53 42.43 -13.51
C ARG A 53 1.61 41.51 -14.70
N GLN A 54 1.82 42.09 -15.90
CA GLN A 54 1.88 41.28 -17.10
C GLN A 54 3.13 40.39 -17.15
N ASP A 55 4.22 40.84 -16.55
CA ASP A 55 5.45 40.08 -16.57
C ASP A 55 5.30 38.79 -15.76
N VAL A 56 4.62 38.91 -14.62
CA VAL A 56 4.28 37.75 -13.79
C VAL A 56 3.36 36.79 -14.51
N ILE A 57 2.34 37.32 -15.20
CA ILE A 57 1.44 36.49 -15.98
C ILE A 57 2.23 35.65 -16.96
N GLU A 58 3.18 36.24 -17.66
CA GLU A 58 3.95 35.47 -18.64
C GLU A 58 4.82 34.39 -17.99
N LEU A 59 5.43 34.69 -16.85
CA LEU A 59 6.26 33.72 -16.12
C LEU A 59 5.46 32.50 -15.61
N VAL A 60 4.24 32.75 -15.10
CA VAL A 60 3.34 31.66 -14.71
C VAL A 60 2.87 30.85 -15.92
N LYS A 61 2.50 31.53 -17.02
CA LYS A 61 2.04 30.83 -18.19
C LYS A 61 3.09 29.86 -18.71
N GLU A 62 4.34 30.26 -18.62
CA GLU A 62 5.45 29.42 -19.14
C GLU A 62 5.60 28.14 -18.29
N LEU A 63 5.23 28.21 -17.00
CA LEU A 63 5.16 27.03 -16.13
C LEU A 63 4.00 26.06 -16.41
N GLN A 64 2.96 26.52 -17.12
CA GLN A 64 1.79 25.72 -17.50
C GLN A 64 1.11 25.09 -16.28
N VAL A 65 0.96 25.90 -15.25
CA VAL A 65 0.37 25.48 -13.99
C VAL A 65 -1.12 25.32 -14.21
N PRO A 66 -1.65 24.10 -14.10
CA PRO A 66 -3.06 23.86 -14.39
C PRO A 66 -4.05 24.27 -13.31
N ILE A 67 -3.62 24.33 -12.08
CA ILE A 67 -4.51 24.58 -10.94
C ILE A 67 -3.76 25.32 -9.84
N ILE A 68 -4.42 26.27 -9.21
CA ILE A 68 -3.82 27.10 -8.17
C ILE A 68 -4.77 27.16 -6.96
N ARG A 69 -4.24 26.77 -5.82
CA ARG A 69 -4.96 26.77 -4.56
C ARG A 69 -4.97 28.20 -4.05
N TYR A 70 -6.10 28.60 -3.44
CA TYR A 70 -6.34 30.01 -3.06
C TYR A 70 -7.57 30.02 -2.11
N PRO A 71 -7.67 30.92 -1.13
CA PRO A 71 -6.74 31.99 -0.74
C PRO A 71 -5.80 31.65 0.41
N GLY A 72 -5.82 30.41 0.85
CA GLY A 72 -4.97 29.94 1.92
C GLY A 72 -5.14 28.46 2.15
N GLY A 73 -4.32 27.85 3.01
CA GLY A 73 -3.31 28.53 3.82
C GLY A 73 -3.92 29.10 5.07
N ASN A 74 -3.07 29.40 6.03
CA ASN A 74 -3.45 29.87 7.36
C ASN A 74 -4.41 31.08 7.31
N PHE A 75 -4.25 31.94 6.31
CA PHE A 75 -5.13 33.10 6.08
C PHE A 75 -6.61 32.74 6.03
N VAL A 76 -6.97 31.61 5.38
CA VAL A 76 -8.38 31.35 5.13
C VAL A 76 -9.17 31.07 6.40
N SER A 77 -8.48 30.57 7.41
CA SER A 77 -9.14 30.09 8.60
C SER A 77 -9.73 31.25 9.43
N GLY A 78 -9.33 32.48 9.14
CA GLY A 78 -9.97 33.65 9.76
C GLY A 78 -10.66 34.60 8.80
N TYR A 79 -10.83 34.19 7.54
CA TYR A 79 -11.27 35.05 6.46
C TYR A 79 -12.75 34.91 6.21
N ASN A 80 -13.39 36.05 5.94
CA ASN A 80 -14.78 36.12 5.48
C ASN A 80 -14.82 36.44 4.00
N TRP A 81 -15.27 35.49 3.19
CA TRP A 81 -15.28 35.67 1.75
C TRP A 81 -16.06 36.89 1.28
N GLU A 82 -17.11 37.23 2.00
CA GLU A 82 -17.91 38.38 1.61
C GLU A 82 -17.15 39.70 1.70
N ASP A 83 -16.11 39.73 2.53
CA ASP A 83 -15.31 40.94 2.73
C ASP A 83 -14.53 41.30 1.47
N GLY A 84 -14.32 40.33 0.58
CA GLY A 84 -13.54 40.54 -0.62
C GLY A 84 -14.35 40.61 -1.91
N VAL A 85 -15.67 40.68 -1.82
CA VAL A 85 -16.51 40.88 -3.03
C VAL A 85 -17.35 42.15 -2.99
N GLY A 86 -17.81 42.57 -4.17
CA GLY A 86 -18.60 43.77 -4.27
C GLY A 86 -17.77 45.03 -4.36
N PRO A 87 -18.44 46.17 -4.39
CA PRO A 87 -17.73 47.43 -4.56
C PRO A 87 -16.63 47.63 -3.53
N LYS A 88 -15.49 48.09 -4.01
CA LYS A 88 -14.32 48.26 -3.14
C LYS A 88 -14.57 49.17 -1.92
N GLU A 89 -15.42 50.21 -2.02
CA GLU A 89 -15.63 51.14 -0.89
C GLU A 89 -16.35 50.48 0.28
N GLN A 90 -17.06 49.40 0.02
CA GLN A 90 -17.72 48.66 1.08
C GLN A 90 -16.90 47.47 1.64
N ARG A 91 -15.73 47.21 1.07
CA ARG A 91 -14.88 46.13 1.59
C ARG A 91 -14.10 46.62 2.81
N PRO A 92 -14.21 45.90 3.93
CA PRO A 92 -13.58 46.35 5.18
C PRO A 92 -12.11 46.02 5.24
N ARG A 93 -11.37 46.83 6.00
CA ARG A 93 -10.00 46.47 6.35
C ARG A 93 -10.03 45.54 7.53
N ARG A 94 -9.32 44.43 7.44
CA ARG A 94 -9.33 43.41 8.47
C ARG A 94 -7.93 43.14 9.01
N LEU A 95 -7.91 42.73 10.27
CA LEU A 95 -6.68 42.20 10.85
C LEU A 95 -6.60 40.72 10.49
N ASP A 96 -5.62 40.39 9.66
CA ASP A 96 -5.36 39.00 9.36
C ASP A 96 -4.50 38.44 10.48
N LEU A 97 -5.08 37.59 11.31
CA LEU A 97 -4.35 37.04 12.44
C LEU A 97 -3.30 36.00 12.07
N ALA A 98 -3.43 35.40 10.89
CA ALA A 98 -2.46 34.39 10.45
C ALA A 98 -1.07 34.98 10.30
N TRP A 99 -1.00 36.12 9.61
CA TRP A 99 0.28 36.71 9.27
C TRP A 99 0.45 38.10 9.89
N LYS A 100 -0.41 38.42 10.86
CA LYS A 100 -0.35 39.70 11.57
C LYS A 100 -0.20 40.89 10.64
N SER A 101 -1.05 40.90 9.62
CA SER A 101 -1.06 41.96 8.64
C SER A 101 -2.45 42.60 8.55
N VAL A 102 -2.53 43.82 8.02
CA VAL A 102 -3.82 44.41 7.72
C VAL A 102 -4.13 44.02 6.28
N GLU A 103 -5.21 43.26 6.09
CA GLU A 103 -5.68 42.88 4.78
C GLU A 103 -6.73 43.88 4.31
N THR A 104 -6.47 44.56 3.20
CA THR A 104 -7.44 45.52 2.66
C THR A 104 -8.59 44.93 1.89
N ASN A 105 -8.42 43.70 1.42
CA ASN A 105 -9.39 43.02 0.59
C ASN A 105 -9.61 43.73 -0.74
N GLU A 106 -8.64 44.55 -1.14
CA GLU A 106 -8.66 45.12 -2.48
C GLU A 106 -8.68 44.03 -3.55
N ILE A 107 -8.04 42.88 -3.28
CA ILE A 107 -8.22 41.68 -4.09
C ILE A 107 -9.07 40.71 -3.26
N GLY A 108 -10.14 40.26 -3.89
CA GLY A 108 -10.95 39.17 -3.36
C GLY A 108 -11.19 38.15 -4.44
N LEU A 109 -12.12 37.24 -4.18
CA LEU A 109 -12.14 36.02 -4.99
C LEU A 109 -12.44 36.27 -6.47
N ASN A 110 -13.31 37.22 -6.79
CA ASN A 110 -13.61 37.48 -8.20
C ASN A 110 -12.41 38.02 -8.95
N GLU A 111 -11.64 38.92 -8.35
CA GLU A 111 -10.42 39.40 -9.02
C GLU A 111 -9.40 38.30 -9.16
N PHE A 112 -9.32 37.40 -8.17
CA PHE A 112 -8.39 36.27 -8.29
C PHE A 112 -8.81 35.33 -9.44
N MET A 113 -10.11 35.12 -9.63
CA MET A 113 -10.58 34.30 -10.73
C MET A 113 -10.19 34.94 -12.06
N ASP A 114 -10.26 36.25 -12.12
CA ASP A 114 -9.88 37.00 -13.35
C ASP A 114 -8.39 36.78 -13.64
N TRP A 115 -7.54 36.85 -12.61
CA TRP A 115 -6.12 36.60 -12.76
C TRP A 115 -5.84 35.17 -13.20
N ALA A 116 -6.49 34.21 -12.56
CA ALA A 116 -6.31 32.81 -12.88
C ALA A 116 -6.65 32.50 -14.34
N LYS A 117 -7.69 33.14 -14.83
CA LYS A 117 -8.10 33.00 -16.22
C LYS A 117 -6.97 33.44 -17.15
N MET A 118 -6.32 34.54 -16.80
CA MET A 118 -5.25 35.08 -17.65
C MET A 118 -4.07 34.13 -17.72
N VAL A 119 -3.79 33.38 -16.66
CA VAL A 119 -2.64 32.46 -16.66
C VAL A 119 -3.02 31.05 -17.05
N GLY A 120 -4.30 30.82 -17.36
CA GLY A 120 -4.81 29.56 -17.84
C GLY A 120 -4.99 28.48 -16.77
N ALA A 121 -5.12 28.91 -15.53
CA ALA A 121 -5.27 27.97 -14.41
C ALA A 121 -6.70 27.94 -13.89
N GLU A 122 -7.18 26.75 -13.51
CA GLU A 122 -8.36 26.65 -12.66
C GLU A 122 -7.93 26.90 -11.20
N VAL A 123 -8.92 27.15 -10.35
CA VAL A 123 -8.66 27.50 -8.96
C VAL A 123 -9.17 26.40 -8.07
N ASN A 124 -8.34 26.02 -7.12
CA ASN A 124 -8.69 25.08 -6.03
C ASN A 124 -9.02 25.95 -4.79
N MET A 125 -10.31 26.24 -4.60
CA MET A 125 -10.76 27.27 -3.66
C MET A 125 -10.92 26.64 -2.28
N ALA A 126 -10.39 27.33 -1.28
CA ALA A 126 -10.47 26.89 0.11
C ALA A 126 -11.58 27.65 0.79
N VAL A 127 -12.28 26.94 1.66
CA VAL A 127 -13.34 27.53 2.51
C VAL A 127 -12.85 27.56 3.96
N ASN A 128 -13.31 28.58 4.67
CA ASN A 128 -12.95 28.83 6.06
C ASN A 128 -13.74 27.86 6.94
N LEU A 129 -13.05 26.94 7.62
CA LEU A 129 -13.64 26.09 8.70
C LEU A 129 -12.98 26.34 10.06
N GLY A 130 -12.38 27.51 10.21
CA GLY A 130 -11.74 27.93 11.44
C GLY A 130 -12.77 28.75 12.24
N THR A 131 -12.98 29.99 11.82
CA THR A 131 -14.00 30.83 12.45
C THR A 131 -15.39 30.64 11.86
N ARG A 132 -15.51 29.95 10.73
CA ARG A 132 -16.78 29.76 10.06
C ARG A 132 -17.05 28.27 9.85
N GLY A 133 -18.20 27.97 9.23
CA GLY A 133 -18.65 26.62 9.12
C GLY A 133 -19.51 26.32 7.93
N ILE A 134 -20.53 25.52 8.16
CA ILE A 134 -21.25 24.93 7.03
C ILE A 134 -22.11 25.93 6.24
N ASP A 135 -22.67 26.94 6.91
CA ASP A 135 -23.50 27.90 6.20
C ASP A 135 -22.66 28.71 5.23
N ALA A 136 -21.52 29.23 5.70
CA ALA A 136 -20.63 29.98 4.81
C ALA A 136 -20.08 29.12 3.65
N ALA A 137 -19.88 27.83 3.89
CA ALA A 137 -19.40 26.94 2.84
C ALA A 137 -20.46 26.76 1.73
N ARG A 138 -21.71 26.52 2.10
CA ARG A 138 -22.72 26.36 1.05
C ARG A 138 -22.94 27.67 0.29
N ASN A 139 -22.94 28.79 0.99
CA ASN A 139 -23.21 30.07 0.38
C ASN A 139 -22.08 30.40 -0.60
N LEU A 140 -20.82 30.10 -0.25
CA LEU A 140 -19.72 30.42 -1.16
C LEU A 140 -19.79 29.54 -2.44
N VAL A 141 -20.13 28.25 -2.28
CA VAL A 141 -20.32 27.41 -3.46
C VAL A 141 -21.45 27.94 -4.36
N GLU A 142 -22.52 28.35 -3.71
CA GLU A 142 -23.67 28.89 -4.43
C GLU A 142 -23.26 30.16 -5.18
N TYR A 143 -22.61 31.08 -4.48
CA TYR A 143 -22.13 32.32 -5.07
C TYR A 143 -21.25 32.04 -6.30
N CYS A 144 -20.30 31.12 -6.18
CA CYS A 144 -19.38 30.83 -7.26
C CYS A 144 -19.96 30.02 -8.40
N ASN A 145 -20.80 29.04 -8.10
CA ASN A 145 -21.16 27.95 -9.03
C ASN A 145 -22.61 27.90 -9.52
N HIS A 146 -23.56 28.44 -8.76
CA HIS A 146 -24.97 28.36 -9.14
C HIS A 146 -25.19 29.43 -10.19
N PRO A 147 -25.86 29.10 -11.30
CA PRO A 147 -25.96 30.08 -12.42
C PRO A 147 -26.65 31.38 -12.09
N SER A 148 -27.84 31.32 -11.49
CA SER A 148 -28.67 32.50 -11.25
C SER A 148 -29.96 32.11 -10.54
N GLY A 149 -30.73 33.12 -10.14
CA GLY A 149 -32.07 32.94 -9.62
C GLY A 149 -32.12 32.61 -8.15
N SER A 150 -31.00 32.81 -7.46
CA SER A 150 -30.98 32.79 -5.99
C SER A 150 -30.23 34.02 -5.49
N TYR A 151 -30.39 34.36 -4.21
CA TYR A 151 -29.74 35.55 -3.69
C TYR A 151 -28.23 35.54 -3.98
N TYR A 152 -27.51 34.46 -3.66
CA TYR A 152 -26.05 34.49 -3.77
C TYR A 152 -25.59 34.43 -5.21
N SER A 153 -26.31 33.72 -6.07
CA SER A 153 -25.88 33.61 -7.48
C SER A 153 -26.16 34.96 -8.14
N ASP A 154 -27.31 35.54 -7.86
CA ASP A 154 -27.65 36.87 -8.43
C ASP A 154 -26.73 37.96 -7.88
N LEU A 155 -26.22 37.78 -6.67
CA LEU A 155 -25.23 38.68 -6.10
C LEU A 155 -23.93 38.69 -6.91
N ARG A 156 -23.45 37.50 -7.28
CA ARG A 156 -22.24 37.36 -8.07
C ARG A 156 -22.46 38.05 -9.40
N ILE A 157 -23.65 37.87 -9.98
CA ILE A 157 -23.98 38.54 -11.27
C ILE A 157 -23.93 40.08 -11.09
N ALA A 158 -24.48 40.58 -9.99
CA ALA A 158 -24.49 42.00 -9.70
C ALA A 158 -23.11 42.57 -9.50
N HIS A 159 -22.22 41.74 -8.98
CA HIS A 159 -20.83 42.13 -8.74
C HIS A 159 -20.01 42.12 -10.04
N GLY A 160 -20.63 41.74 -11.13
CA GLY A 160 -20.03 41.86 -12.47
C GLY A 160 -19.60 40.59 -13.15
N TYR A 161 -20.07 39.44 -12.63
CA TYR A 161 -19.64 38.12 -13.06
C TYR A 161 -20.84 37.27 -13.42
N LYS A 162 -21.34 37.47 -14.64
CA LYS A 162 -22.60 36.85 -15.06
C LYS A 162 -22.51 35.32 -15.09
N GLU A 163 -21.47 34.80 -15.72
CA GLU A 163 -21.26 33.35 -15.79
C GLU A 163 -20.67 32.88 -14.46
N PRO A 164 -21.13 31.74 -13.96
CA PRO A 164 -20.51 31.20 -12.73
C PRO A 164 -19.07 30.84 -12.95
N HIS A 165 -18.29 30.88 -11.87
CA HIS A 165 -16.90 30.48 -11.91
C HIS A 165 -16.74 28.96 -12.14
N LYS A 166 -17.70 28.17 -11.66
CA LYS A 166 -17.76 26.70 -11.85
C LYS A 166 -16.47 26.09 -11.37
N ILE A 167 -16.14 26.35 -10.11
CA ILE A 167 -14.94 25.84 -9.45
C ILE A 167 -15.17 24.37 -9.18
N LYS A 168 -14.23 23.55 -9.60
CA LYS A 168 -14.35 22.10 -9.51
C LYS A 168 -13.92 21.57 -8.15
N THR A 169 -12.74 21.95 -7.68
CA THR A 169 -12.08 21.28 -6.55
C THR A 169 -11.90 22.25 -5.39
N TRP A 170 -12.41 21.87 -4.22
CA TRP A 170 -12.44 22.77 -3.07
C TRP A 170 -11.73 22.15 -1.88
N CYS A 171 -11.06 22.97 -1.08
CA CYS A 171 -10.43 22.55 0.17
C CYS A 171 -11.40 22.82 1.33
N LEU A 172 -11.63 21.79 2.13
CA LEU A 172 -12.40 21.95 3.38
C LEU A 172 -11.52 22.47 4.51
N GLY A 173 -11.32 23.78 4.55
CA GLY A 173 -10.45 24.40 5.48
C GLY A 173 -8.99 24.26 5.16
N ASN A 174 -8.20 24.71 6.10
CA ASN A 174 -6.74 24.64 6.06
C ASN A 174 -6.07 24.23 7.37
N GLU A 175 -5.16 23.26 7.25
CA GLU A 175 -4.26 22.86 8.35
C GLU A 175 -4.93 22.92 9.71
N MET A 176 -6.05 22.21 9.83
CA MET A 176 -6.87 22.43 11.03
C MET A 176 -6.28 21.78 12.29
N ASP A 177 -5.33 20.87 12.10
CA ASP A 177 -4.64 20.22 13.23
C ASP A 177 -3.60 21.09 13.94
N GLY A 178 -3.26 22.24 13.35
CA GLY A 178 -2.16 23.04 13.85
C GLY A 178 -2.55 23.83 15.09
N PRO A 179 -1.79 23.72 16.18
CA PRO A 179 -2.04 24.57 17.33
C PRO A 179 -1.90 26.08 17.01
N TRP A 180 -1.24 26.43 15.92
CA TRP A 180 -1.05 27.81 15.46
C TRP A 180 -2.19 28.29 14.54
N GLN A 181 -3.14 27.40 14.24
CA GLN A 181 -4.19 27.70 13.26
C GLN A 181 -5.32 28.44 13.96
N ILE A 182 -5.90 29.41 13.27
CA ILE A 182 -7.11 30.07 13.73
C ILE A 182 -8.25 29.04 13.71
N GLY A 183 -8.92 28.86 14.84
CA GLY A 183 -10.01 27.93 14.96
C GLY A 183 -9.56 26.51 14.73
N HIS A 184 -8.38 26.19 15.24
CA HIS A 184 -7.92 24.79 15.34
C HIS A 184 -9.03 23.89 15.85
N LYS A 185 -9.07 22.69 15.29
CA LYS A 185 -10.01 21.67 15.67
C LYS A 185 -9.26 20.36 15.85
N THR A 186 -9.74 19.56 16.80
CA THR A 186 -9.26 18.18 16.91
C THR A 186 -9.68 17.40 15.68
N ALA A 187 -9.14 16.20 15.51
CA ALA A 187 -9.51 15.38 14.38
C ALA A 187 -11.01 15.06 14.37
N VAL A 188 -11.61 14.79 15.51
CA VAL A 188 -13.07 14.54 15.53
C VAL A 188 -13.84 15.80 15.18
N GLU A 189 -13.50 16.94 15.82
CA GLU A 189 -14.24 18.21 15.57
C GLU A 189 -14.15 18.59 14.08
N TYR A 190 -12.94 18.48 13.53
CA TYR A 190 -12.71 18.74 12.11
C TYR A 190 -13.42 17.74 11.20
N GLY A 191 -13.30 16.45 11.50
CA GLY A 191 -13.99 15.44 10.71
C GLY A 191 -15.49 15.71 10.62
N ARG A 192 -16.09 16.06 11.75
CA ARG A 192 -17.51 16.29 11.79
C ARG A 192 -17.90 17.52 10.95
N ILE A 193 -17.20 18.63 11.15
CA ILE A 193 -17.56 19.85 10.41
C ILE A 193 -17.26 19.70 8.94
N ALA A 194 -16.19 18.99 8.62
CA ALA A 194 -15.83 18.78 7.22
C ALA A 194 -16.87 17.91 6.54
N CYS A 195 -17.38 16.90 7.23
CA CYS A 195 -18.41 16.04 6.71
C CYS A 195 -19.67 16.84 6.40
N GLU A 196 -20.12 17.65 7.36
CA GLU A 196 -21.33 18.42 7.20
C GLU A 196 -21.17 19.54 6.16
N ALA A 197 -19.99 20.16 6.07
CA ALA A 197 -19.68 21.12 5.04
C ALA A 197 -19.68 20.47 3.67
N ALA A 198 -19.04 19.30 3.56
CA ALA A 198 -18.96 18.56 2.30
C ALA A 198 -20.34 18.27 1.74
N LYS A 199 -21.24 17.88 2.63
CA LYS A 199 -22.60 17.56 2.24
C LYS A 199 -23.32 18.74 1.64
N VAL A 200 -23.30 19.88 2.32
CA VAL A 200 -24.06 21.01 1.83
C VAL A 200 -23.45 21.57 0.54
N MET A 201 -22.13 21.50 0.43
CA MET A 201 -21.46 22.01 -0.76
C MET A 201 -21.82 21.18 -1.97
N LYS A 202 -21.82 19.88 -1.79
CA LYS A 202 -22.19 18.97 -2.87
C LYS A 202 -23.68 18.99 -3.22
N TRP A 203 -24.55 19.33 -2.25
CA TRP A 203 -25.94 19.51 -2.54
C TRP A 203 -26.15 20.78 -3.37
N VAL A 204 -25.36 21.83 -3.14
CA VAL A 204 -25.40 22.98 -4.02
C VAL A 204 -24.95 22.59 -5.42
N ASP A 205 -23.81 21.90 -5.52
CA ASP A 205 -23.25 21.53 -6.82
C ASP A 205 -22.57 20.18 -6.77
N PRO A 206 -23.26 19.14 -7.20
CA PRO A 206 -22.73 17.79 -7.08
C PRO A 206 -21.57 17.46 -8.03
N THR A 207 -21.22 18.36 -8.94
CA THR A 207 -20.05 18.18 -9.78
C THR A 207 -18.73 18.41 -9.08
N ILE A 208 -18.74 19.04 -7.89
CA ILE A 208 -17.47 19.37 -7.24
C ILE A 208 -16.79 18.18 -6.61
N GLU A 209 -15.50 18.39 -6.32
CA GLU A 209 -14.63 17.49 -5.54
C GLU A 209 -14.19 18.19 -4.28
N LEU A 210 -13.96 17.43 -3.21
CA LEU A 210 -13.54 17.99 -1.94
C LEU A 210 -12.26 17.37 -1.48
N VAL A 211 -11.40 18.20 -0.94
CA VAL A 211 -10.13 17.83 -0.30
C VAL A 211 -10.25 18.04 1.20
N VAL A 212 -10.08 16.98 1.99
CA VAL A 212 -9.98 17.09 3.46
C VAL A 212 -8.54 17.27 3.92
N CYS A 213 -8.37 18.07 4.96
CA CYS A 213 -7.08 18.41 5.54
C CYS A 213 -6.41 17.21 6.12
N GLY A 214 -5.17 16.93 5.71
CA GLY A 214 -4.29 16.05 6.48
C GLY A 214 -3.59 16.82 7.60
N SER A 215 -2.61 16.16 8.21
CA SER A 215 -1.67 16.81 9.14
C SER A 215 -0.89 17.97 8.45
N SER A 216 -0.50 18.95 9.24
CA SER A 216 0.27 20.11 8.77
C SER A 216 1.64 19.66 8.31
N ASN A 217 2.10 18.55 8.86
CA ASN A 217 3.34 17.92 8.46
C ASN A 217 3.47 16.54 9.12
N ARG A 218 4.47 15.80 8.65
CA ARG A 218 4.71 14.43 9.07
C ARG A 218 5.19 14.33 10.53
N ASN A 219 5.69 15.43 11.08
CA ASN A 219 6.17 15.48 12.47
C ASN A 219 5.11 15.87 13.52
N MET A 220 3.86 16.12 13.12
CA MET A 220 2.84 16.46 14.12
C MET A 220 2.70 15.29 15.09
N PRO A 221 2.57 15.53 16.41
CA PRO A 221 2.24 14.41 17.33
C PRO A 221 0.94 13.64 17.01
N THR A 222 0.01 14.27 16.28
CA THR A 222 -1.23 13.62 15.82
C THR A 222 -1.06 13.05 14.42
N PHE A 223 0.15 13.04 13.85
CA PHE A 223 0.33 12.47 12.52
C PHE A 223 -0.23 11.05 12.45
N ALA A 224 -0.90 10.77 11.33
CA ALA A 224 -1.47 9.48 10.91
C ALA A 224 -2.77 9.18 11.67
N GLU A 225 -2.75 9.32 12.97
CA GLU A 225 -3.95 9.26 13.79
C GLU A 225 -4.99 10.26 13.25
N TRP A 226 -4.52 11.46 12.93
CA TRP A 226 -5.39 12.54 12.38
C TRP A 226 -6.10 12.09 11.10
N GLU A 227 -5.31 11.64 10.15
CA GLU A 227 -5.83 11.28 8.85
C GLU A 227 -6.82 10.15 8.98
N ALA A 228 -6.50 9.18 9.83
CA ALA A 228 -7.41 8.07 10.01
C ALA A 228 -8.76 8.52 10.56
N THR A 229 -8.74 9.33 11.59
CA THR A 229 -9.97 9.80 12.22
C THR A 229 -10.73 10.67 11.25
N VAL A 230 -10.03 11.57 10.57
CA VAL A 230 -10.71 12.49 9.67
C VAL A 230 -11.38 11.71 8.51
N LEU A 231 -10.67 10.77 7.93
CA LEU A 231 -11.27 9.97 6.88
C LEU A 231 -12.44 9.09 7.40
N ASP A 232 -12.36 8.64 8.63
CA ASP A 232 -13.42 7.83 9.21
C ASP A 232 -14.71 8.63 9.23
N HIS A 233 -14.58 9.94 9.41
CA HIS A 233 -15.73 10.82 9.46
C HIS A 233 -16.20 11.34 8.13
N THR A 234 -15.34 11.31 7.11
CA THR A 234 -15.66 12.02 5.88
C THR A 234 -15.64 11.16 4.63
N TYR A 235 -15.17 9.91 4.75
CA TYR A 235 -14.81 9.10 3.59
C TYR A 235 -15.82 9.19 2.43
N ASP A 236 -17.09 8.94 2.72
CA ASP A 236 -18.10 8.82 1.66
C ASP A 236 -18.42 10.15 0.96
N HIS A 237 -18.06 11.26 1.58
CA HIS A 237 -18.37 12.57 1.04
C HIS A 237 -17.20 13.32 0.40
N VAL A 238 -15.98 12.81 0.47
CA VAL A 238 -14.84 13.57 -0.02
C VAL A 238 -14.04 12.79 -1.04
N ASP A 239 -13.03 13.43 -1.66
CA ASP A 239 -12.34 12.80 -2.80
C ASP A 239 -10.85 12.65 -2.62
N TYR A 240 -10.27 13.55 -1.84
CA TYR A 240 -8.84 13.60 -1.62
C TYR A 240 -8.55 13.92 -0.18
N ILE A 241 -7.41 13.45 0.27
CA ILE A 241 -6.81 13.91 1.52
C ILE A 241 -5.50 14.61 1.24
N SER A 242 -5.24 15.71 1.95
CA SER A 242 -4.06 16.50 1.69
C SER A 242 -2.85 16.11 2.51
N LEU A 243 -1.67 16.37 1.96
CA LEU A 243 -0.39 16.32 2.65
C LEU A 243 0.37 17.62 2.40
N HIS A 244 1.09 18.06 3.43
CA HIS A 244 1.94 19.26 3.36
C HIS A 244 3.35 18.81 3.76
N GLN A 245 4.36 19.29 3.04
CA GLN A 245 5.75 19.04 3.44
C GLN A 245 6.71 20.12 2.95
N TYR A 246 7.56 20.61 3.85
CA TYR A 246 8.65 21.52 3.53
C TYR A 246 9.98 20.94 3.99
N TYR A 247 11.03 21.32 3.26
CA TYR A 247 12.37 20.83 3.58
C TYR A 247 13.34 21.98 3.59
N GLY A 248 14.48 21.73 4.22
CA GLY A 248 15.45 22.76 4.45
C GLY A 248 16.78 22.12 4.76
N ASN A 249 17.86 22.83 4.43
CA ASN A 249 19.21 22.36 4.71
C ASN A 249 19.79 23.18 5.86
N ARG A 250 19.28 22.94 7.05
CA ARG A 250 19.69 23.75 8.19
C ARG A 250 21.02 23.31 8.82
N ASP A 251 21.62 22.23 8.35
CA ASP A 251 22.90 21.76 8.91
C ASP A 251 24.01 21.60 7.87
N ASN A 252 23.81 22.20 6.70
CA ASN A 252 24.77 22.16 5.61
C ASN A 252 25.32 20.78 5.28
N ASP A 253 24.40 19.84 5.06
CA ASP A 253 24.72 18.48 4.72
C ASP A 253 23.96 18.15 3.45
N THR A 254 24.60 18.41 2.32
CA THR A 254 24.00 18.26 1.00
C THR A 254 23.60 16.82 0.70
N ALA A 255 24.46 15.88 1.10
CA ALA A 255 24.24 14.46 0.86
C ALA A 255 22.93 14.00 1.48
N ASN A 256 22.73 14.45 2.73
CA ASN A 256 21.54 14.15 3.53
C ASN A 256 20.33 14.95 3.03
N TYR A 257 20.59 16.18 2.57
CA TYR A 257 19.53 17.08 2.08
C TYR A 257 18.84 16.51 0.86
N LEU A 258 19.64 16.00 -0.08
CA LEU A 258 19.13 15.49 -1.34
C LEU A 258 18.45 14.15 -1.18
N ALA A 259 18.73 13.46 -0.07
CA ALA A 259 18.06 12.21 0.23
C ALA A 259 16.64 12.43 0.79
N LEU A 260 16.27 13.67 1.13
CA LEU A 260 14.99 13.93 1.80
C LEU A 260 13.76 13.50 1.01
N SER A 261 13.88 13.39 -0.33
CA SER A 261 12.77 12.90 -1.13
C SER A 261 12.35 11.43 -0.80
N LEU A 262 13.27 10.62 -0.27
CA LEU A 262 12.92 9.25 0.20
C LEU A 262 11.91 9.30 1.37
N GLU A 263 12.07 10.30 2.22
CA GLU A 263 11.12 10.56 3.28
C GLU A 263 9.75 11.01 2.73
N MET A 264 9.77 11.92 1.76
CA MET A 264 8.52 12.28 1.07
C MET A 264 7.85 11.02 0.49
N ASP A 265 8.64 10.12 -0.06
CA ASP A 265 8.13 8.89 -0.63
C ASP A 265 7.41 8.04 0.44
N ASP A 266 8.05 7.92 1.60
CA ASP A 266 7.44 7.16 2.70
C ASP A 266 6.19 7.85 3.26
N PHE A 267 6.23 9.20 3.36
CA PHE A 267 5.10 10.00 3.78
C PHE A 267 3.89 9.71 2.86
N ILE A 268 4.11 9.76 1.55
CA ILE A 268 3.05 9.46 0.59
C ILE A 268 2.50 8.02 0.78
N ARG A 269 3.40 7.05 0.89
CA ARG A 269 2.99 5.68 1.04
C ARG A 269 2.18 5.52 2.34
N SER A 270 2.55 6.27 3.36
CA SER A 270 1.88 6.16 4.66
C SER A 270 0.46 6.68 4.56
N VAL A 271 0.31 7.80 3.86
CA VAL A 271 -1.03 8.38 3.75
C VAL A 271 -1.94 7.58 2.82
N VAL A 272 -1.37 7.06 1.74
CA VAL A 272 -2.07 6.08 0.91
C VAL A 272 -2.60 4.91 1.77
N ALA A 273 -1.76 4.38 2.65
CA ALA A 273 -2.11 3.25 3.50
C ALA A 273 -3.30 3.61 4.39
N ILE A 274 -3.29 4.82 4.93
CA ILE A 274 -4.41 5.25 5.78
C ILE A 274 -5.69 5.29 4.98
N ALA A 275 -5.64 5.82 3.79
CA ALA A 275 -6.84 5.93 2.98
C ALA A 275 -7.39 4.55 2.71
N ASP A 276 -6.49 3.60 2.46
CA ASP A 276 -6.90 2.25 2.11
C ASP A 276 -7.38 1.46 3.34
N TYR A 277 -6.86 1.79 4.52
CA TYR A 277 -7.39 1.28 5.79
C TYR A 277 -8.85 1.70 5.91
N VAL A 278 -9.09 3.00 5.82
CA VAL A 278 -10.44 3.50 5.99
C VAL A 278 -11.39 2.97 4.92
N LYS A 279 -10.91 2.83 3.67
CA LYS A 279 -11.70 2.25 2.59
C LYS A 279 -12.19 0.87 3.01
N ALA A 280 -11.27 0.07 3.54
CA ALA A 280 -11.63 -1.29 3.95
C ALA A 280 -12.60 -1.26 5.16
N LYS A 281 -12.37 -0.39 6.11
CA LYS A 281 -13.24 -0.27 7.29
C LYS A 281 -14.65 0.09 6.89
N LYS A 282 -14.80 0.95 5.88
CA LYS A 282 -16.13 1.35 5.37
C LYS A 282 -16.73 0.41 4.34
N ARG A 283 -15.97 -0.57 3.88
CA ARG A 283 -16.35 -1.43 2.76
C ARG A 283 -16.74 -0.61 1.52
N SER A 284 -16.00 0.45 1.27
CA SER A 284 -16.33 1.34 0.17
C SER A 284 -15.64 0.85 -1.10
N LYS A 285 -16.29 1.06 -2.23
CA LYS A 285 -15.71 0.83 -3.54
C LYS A 285 -14.89 2.01 -4.02
N LYS A 286 -15.02 3.15 -3.34
CA LYS A 286 -14.36 4.37 -3.77
C LYS A 286 -12.95 4.44 -3.17
N THR A 287 -12.00 4.88 -4.00
CA THR A 287 -10.63 5.07 -3.59
C THR A 287 -10.39 6.57 -3.41
N ILE A 288 -9.85 6.93 -2.26
CA ILE A 288 -9.47 8.32 -1.98
C ILE A 288 -8.03 8.52 -2.46
N HIS A 289 -7.78 9.64 -3.12
CA HIS A 289 -6.45 9.96 -3.53
C HIS A 289 -5.88 11.12 -2.74
N LEU A 290 -4.64 11.45 -3.07
CA LEU A 290 -3.89 12.43 -2.31
C LEU A 290 -3.77 13.74 -3.06
N SER A 291 -3.84 14.85 -2.32
CA SER A 291 -3.56 16.17 -2.85
C SER A 291 -2.38 16.69 -2.06
N PHE A 292 -1.21 16.73 -2.67
CA PHE A 292 -0.01 17.16 -1.99
C PHE A 292 0.04 18.67 -2.10
N ASP A 293 -0.85 19.34 -1.37
CA ASP A 293 -1.21 20.71 -1.75
C ASP A 293 -0.39 21.79 -1.08
N GLU A 294 0.66 21.41 -0.34
CA GLU A 294 1.79 22.32 -0.10
C GLU A 294 3.07 21.54 -0.10
N TRP A 295 3.97 21.89 -1.01
CA TRP A 295 5.32 21.29 -0.96
C TRP A 295 6.34 22.30 -1.50
N ASN A 296 7.52 22.30 -0.89
CA ASN A 296 8.64 23.13 -1.32
C ASN A 296 9.84 23.01 -0.38
N VAL A 297 10.97 23.55 -0.82
CA VAL A 297 11.97 24.01 0.09
C VAL A 297 11.50 25.27 0.78
N TRP A 298 11.63 25.31 2.11
CA TRP A 298 11.40 26.52 2.88
C TRP A 298 12.27 26.58 4.14
N TYR A 299 13.22 27.53 4.18
CA TYR A 299 14.02 27.74 5.38
C TYR A 299 14.86 29.01 5.41
N HIS A 300 15.34 29.43 4.24
CA HIS A 300 16.30 30.53 4.14
C HIS A 300 15.83 31.82 4.83
N SER A 301 14.53 32.17 4.71
CA SER A 301 14.03 33.44 5.20
C SER A 301 13.57 33.47 6.66
N ASN A 302 13.73 32.37 7.40
CA ASN A 302 13.17 32.26 8.76
C ASN A 302 13.59 33.40 9.68
N GLU A 303 14.88 33.74 9.67
CA GLU A 303 15.37 34.78 10.59
C GLU A 303 14.95 36.18 10.23
N ALA A 304 14.94 36.50 8.93
CA ALA A 304 14.49 37.82 8.47
C ALA A 304 13.03 38.07 8.90
N ASP A 305 12.19 37.05 8.79
CA ASP A 305 10.76 37.18 9.07
C ASP A 305 10.54 37.57 10.53
N LYS A 306 11.43 37.12 11.41
CA LYS A 306 11.33 37.44 12.84
C LYS A 306 11.41 38.94 13.18
N LEU A 307 11.83 39.80 12.26
CA LEU A 307 12.00 41.23 12.51
C LEU A 307 10.86 42.10 12.00
N ILE A 308 9.92 41.48 11.30
CA ILE A 308 8.79 42.19 10.72
C ILE A 308 7.81 42.57 11.81
N GLU A 309 7.49 43.86 11.90
CA GLU A 309 6.57 44.40 12.89
C GLU A 309 5.16 44.08 12.41
N PRO A 310 4.25 43.81 13.34
CA PRO A 310 2.87 43.49 12.96
C PRO A 310 2.08 44.68 12.40
N TRP A 311 1.10 44.38 11.56
CA TRP A 311 0.03 45.29 11.13
C TRP A 311 0.39 46.24 10.02
N THR A 312 1.39 45.85 9.26
CA THR A 312 1.59 46.47 7.96
C THR A 312 0.74 45.79 6.88
N VAL A 313 0.70 46.47 5.74
CA VAL A 313 0.10 45.93 4.54
C VAL A 313 1.21 45.32 3.67
N ALA A 314 1.03 44.07 3.28
CA ALA A 314 1.93 43.33 2.37
C ALA A 314 3.39 43.32 2.82
N PRO A 315 3.68 42.82 4.02
CA PRO A 315 5.07 42.70 4.46
C PRO A 315 5.86 41.68 3.64
N PRO A 316 7.18 41.83 3.52
CA PRO A 316 8.01 40.91 2.74
C PRO A 316 8.34 39.55 3.40
N LEU A 317 7.30 38.78 3.69
CA LEU A 317 7.38 37.51 4.42
C LEU A 317 7.69 36.31 3.54
N LEU A 318 8.44 35.34 4.09
CA LEU A 318 8.67 34.04 3.47
C LEU A 318 9.46 34.12 2.13
N GLU A 319 10.28 35.16 2.00
CA GLU A 319 11.01 35.38 0.75
C GLU A 319 12.32 34.65 0.71
N ASP A 320 12.22 33.32 0.66
CA ASP A 320 13.37 32.45 0.46
C ASP A 320 14.03 32.79 -0.87
N ILE A 321 15.36 32.94 -0.83
CA ILE A 321 16.16 32.99 -2.08
C ILE A 321 16.82 31.65 -2.32
N TYR A 322 16.40 30.94 -3.35
CA TYR A 322 16.78 29.56 -3.55
C TYR A 322 18.13 29.43 -4.26
N ASN A 323 18.83 28.35 -3.97
CA ASN A 323 20.12 28.05 -4.58
C ASN A 323 20.06 26.82 -5.43
N PHE A 324 21.18 26.40 -6.00
CA PHE A 324 21.17 25.28 -6.93
C PHE A 324 20.76 23.94 -6.27
N GLU A 325 21.29 23.64 -5.09
CA GLU A 325 20.97 22.36 -4.45
C GLU A 325 19.48 22.31 -4.13
N ASP A 326 18.87 23.46 -3.84
CA ASP A 326 17.42 23.50 -3.62
C ASP A 326 16.69 23.06 -4.87
N ALA A 327 17.20 23.46 -6.03
CA ALA A 327 16.62 23.06 -7.29
C ALA A 327 16.74 21.54 -7.49
N LEU A 328 17.89 20.97 -7.11
CA LEU A 328 18.04 19.52 -7.20
C LEU A 328 17.03 18.76 -6.33
N LEU A 329 16.78 19.25 -5.13
CA LEU A 329 15.86 18.61 -4.22
C LEU A 329 14.43 18.77 -4.74
N VAL A 330 14.09 19.96 -5.19
CA VAL A 330 12.81 20.15 -5.90
C VAL A 330 12.68 19.18 -7.05
N GLY A 331 13.73 18.98 -7.85
CA GLY A 331 13.68 17.97 -8.89
C GLY A 331 13.38 16.56 -8.35
N CYS A 332 14.03 16.17 -7.27
CA CYS A 332 13.78 14.85 -6.65
C CYS A 332 12.33 14.74 -6.14
N MET A 333 11.82 15.84 -5.61
CA MET A 333 10.43 15.92 -5.11
C MET A 333 9.45 15.74 -6.27
N LEU A 334 9.74 16.35 -7.41
CA LEU A 334 8.88 16.22 -8.58
C LEU A 334 8.87 14.77 -9.06
N ILE A 335 10.05 14.14 -9.10
CA ILE A 335 10.16 12.77 -9.59
C ILE A 335 9.37 11.86 -8.65
N THR A 336 9.45 12.18 -7.38
CA THR A 336 8.75 11.45 -6.32
C THR A 336 7.21 11.54 -6.49
N LEU A 337 6.73 12.72 -6.85
CA LEU A 337 5.30 12.86 -7.18
C LEU A 337 4.92 12.03 -8.40
N MET A 338 5.75 12.09 -9.47
CA MET A 338 5.44 11.33 -10.66
C MET A 338 5.41 9.84 -10.38
N LYS A 339 6.32 9.36 -9.52
CA LYS A 339 6.35 7.95 -9.21
C LYS A 339 5.16 7.48 -8.37
N HIS A 340 4.43 8.45 -7.79
CA HIS A 340 3.14 8.18 -7.12
C HIS A 340 1.92 8.70 -7.89
N ALA A 341 2.02 8.78 -9.22
CA ALA A 341 0.93 9.25 -10.05
C ALA A 341 -0.31 8.41 -9.93
N ASP A 342 -0.17 7.16 -9.46
CA ASP A 342 -1.34 6.33 -9.29
C ASP A 342 -2.26 6.82 -8.16
N ARG A 343 -1.70 7.49 -7.17
CA ARG A 343 -2.47 7.96 -6.01
C ARG A 343 -2.36 9.44 -5.66
N VAL A 344 -1.35 10.16 -6.16
CA VAL A 344 -1.23 11.59 -5.95
C VAL A 344 -1.77 12.23 -7.23
N LYS A 345 -2.92 12.91 -7.13
CA LYS A 345 -3.62 13.45 -8.28
C LYS A 345 -3.57 14.97 -8.41
N ILE A 346 -3.24 15.64 -7.32
CA ILE A 346 -3.08 17.08 -7.26
C ILE A 346 -1.85 17.33 -6.39
N ALA A 347 -1.08 18.34 -6.77
CA ALA A 347 0.03 18.82 -5.95
C ALA A 347 0.23 20.28 -6.20
N CYS A 348 0.60 21.01 -5.16
CA CYS A 348 0.72 22.44 -5.26
C CYS A 348 2.09 22.88 -4.72
N LEU A 349 2.93 23.40 -5.61
CA LEU A 349 4.17 24.04 -5.19
C LEU A 349 3.79 25.30 -4.39
N ALA A 350 4.22 25.36 -3.14
CA ALA A 350 3.83 26.44 -2.26
C ALA A 350 5.04 27.35 -2.11
N GLN A 351 5.01 28.59 -2.62
CA GLN A 351 3.85 29.21 -3.29
C GLN A 351 4.37 29.79 -4.62
N LEU A 352 3.50 30.43 -5.37
CA LEU A 352 3.80 30.69 -6.79
C LEU A 352 4.60 31.96 -7.03
N VAL A 353 4.33 33.01 -6.26
CA VAL A 353 4.94 34.32 -6.47
C VAL A 353 5.36 34.89 -5.11
N ASN A 354 6.63 35.31 -5.01
CA ASN A 354 7.25 35.97 -3.88
C ASN A 354 7.44 35.15 -2.60
N VAL A 355 6.39 34.47 -2.21
CA VAL A 355 6.34 33.68 -1.03
C VAL A 355 6.84 32.28 -1.37
N ILE A 356 8.00 31.90 -0.81
CA ILE A 356 8.66 30.63 -1.07
C ILE A 356 8.39 30.17 -2.50
N ALA A 357 8.86 30.99 -3.45
CA ALA A 357 8.34 30.99 -4.80
C ALA A 357 9.41 30.84 -5.90
N PRO A 358 9.04 30.21 -7.00
CA PRO A 358 9.89 30.16 -8.20
C PRO A 358 9.98 31.46 -8.96
N ILE A 359 9.05 32.38 -8.71
CA ILE A 359 8.99 33.69 -9.32
C ILE A 359 9.08 34.74 -8.23
N MET A 360 10.01 35.67 -8.39
CA MET A 360 10.19 36.77 -7.48
C MET A 360 10.03 38.10 -8.19
N THR A 361 9.53 39.08 -7.47
CA THR A 361 9.33 40.42 -8.03
C THR A 361 9.94 41.49 -7.18
N GLU A 362 10.23 42.63 -7.82
CA GLU A 362 10.59 43.86 -7.11
C GLU A 362 9.60 44.94 -7.44
N LYS A 363 9.33 45.82 -6.46
CA LYS A 363 8.34 46.88 -6.57
C LYS A 363 8.73 47.82 -7.71
N ASN A 364 7.81 48.06 -8.63
CA ASN A 364 8.05 48.89 -9.80
C ASN A 364 9.17 48.37 -10.68
N GLY A 365 9.63 47.14 -10.42
CA GLY A 365 10.82 46.58 -11.05
C GLY A 365 10.59 45.20 -11.65
N PRO A 366 11.65 44.47 -11.92
CA PRO A 366 11.53 43.22 -12.67
C PRO A 366 11.02 42.04 -11.86
N ALA A 367 10.58 41.05 -12.60
CA ALA A 367 10.23 39.73 -12.08
C ALA A 367 11.27 38.76 -12.66
N TRP A 368 11.70 37.78 -11.86
CA TRP A 368 12.77 36.88 -12.27
C TRP A 368 12.54 35.45 -11.76
N LYS A 369 13.24 34.52 -12.37
CA LYS A 369 13.11 33.09 -12.10
C LYS A 369 14.18 32.63 -11.08
N GLN A 370 13.69 32.07 -9.98
CA GLN A 370 14.57 31.42 -9.01
C GLN A 370 15.11 30.12 -9.58
N THR A 371 16.13 29.56 -8.95
CA THR A 371 16.68 28.29 -9.37
C THR A 371 15.64 27.18 -9.52
N ILE A 372 14.66 27.16 -8.60
CA ILE A 372 13.65 26.12 -8.62
C ILE A 372 12.63 26.21 -9.74
N TYR A 373 12.55 27.38 -10.37
CA TYR A 373 11.69 27.55 -11.53
C TYR A 373 11.97 26.49 -12.61
N TYR A 374 13.25 26.21 -12.86
CA TYR A 374 13.62 25.34 -13.97
C TYR A 374 13.17 23.90 -13.89
N PRO A 375 13.48 23.16 -12.84
CA PRO A 375 12.99 21.78 -12.76
C PRO A 375 11.47 21.75 -12.74
N PHE A 376 10.84 22.73 -12.09
CA PHE A 376 9.36 22.79 -12.09
C PHE A 376 8.83 22.97 -13.50
N MET A 377 9.39 23.92 -14.22
CA MET A 377 9.02 24.12 -15.60
C MET A 377 9.23 22.86 -16.44
N HIS A 378 10.39 22.19 -16.34
CA HIS A 378 10.64 20.98 -17.13
C HIS A 378 9.64 19.84 -16.82
N ALA A 379 9.34 19.63 -15.55
CA ALA A 379 8.43 18.58 -15.15
C ALA A 379 7.05 18.88 -15.68
N SER A 380 6.62 20.14 -15.55
CA SER A 380 5.28 20.53 -16.00
C SER A 380 5.11 20.42 -17.51
N VAL A 381 6.11 20.91 -18.23
CA VAL A 381 6.04 21.00 -19.69
C VAL A 381 6.25 19.62 -20.35
N TYR A 382 7.24 18.88 -19.87
CA TYR A 382 7.63 17.58 -20.46
C TYR A 382 7.10 16.34 -19.73
N GLY A 383 6.39 16.54 -18.62
CA GLY A 383 5.98 15.42 -17.79
C GLY A 383 4.52 15.08 -17.85
N ARG A 384 3.89 15.28 -19.00
CA ARG A 384 2.51 14.88 -19.21
C ARG A 384 2.51 13.56 -19.98
N GLY A 385 1.68 12.60 -19.55
CA GLY A 385 1.61 11.30 -20.17
C GLY A 385 1.47 10.24 -19.10
N VAL A 386 2.02 9.05 -19.35
CA VAL A 386 1.96 7.94 -18.42
C VAL A 386 3.32 7.78 -17.72
N ALA A 387 3.31 7.82 -16.39
CA ALA A 387 4.47 7.49 -15.57
C ALA A 387 4.77 6.00 -15.66
N LEU A 388 6.00 5.64 -15.99
CA LEU A 388 6.37 4.23 -16.13
C LEU A 388 7.12 3.79 -14.86
N HIS A 389 6.92 2.53 -14.51
CA HIS A 389 7.68 1.96 -13.41
C HIS A 389 9.15 1.73 -13.79
N PRO A 390 10.08 2.36 -13.06
CA PRO A 390 11.48 2.13 -13.35
C PRO A 390 11.89 0.92 -12.52
N VAL A 391 12.65 0.04 -13.16
CA VAL A 391 13.38 -0.96 -12.44
C VAL A 391 14.78 -0.44 -12.57
N ILE A 392 15.18 0.35 -11.59
CA ILE A 392 16.52 0.84 -11.62
C ILE A 392 17.41 -0.03 -10.77
N SER A 393 18.65 -0.16 -11.24
CA SER A 393 19.75 -0.60 -10.43
C SER A 393 20.69 0.55 -10.37
N SER A 394 20.94 1.04 -9.17
CA SER A 394 21.82 2.18 -8.98
C SER A 394 22.68 1.92 -7.79
N PRO A 395 23.89 2.46 -7.81
CA PRO A 395 24.72 2.53 -6.62
C PRO A 395 24.08 3.42 -5.60
N LYS A 396 24.50 3.28 -4.36
CA LYS A 396 23.84 3.93 -3.25
C LYS A 396 24.83 4.42 -2.23
N TYR A 397 24.34 5.23 -1.29
CA TYR A 397 25.16 5.81 -0.24
C TYR A 397 24.37 6.01 1.04
N ASP A 398 25.08 6.12 2.15
CA ASP A 398 24.46 6.33 3.45
C ASP A 398 24.72 7.74 3.85
N SER A 399 23.74 8.33 4.52
CA SER A 399 23.87 9.67 5.09
C SER A 399 23.44 9.58 6.54
N LYS A 400 23.40 10.72 7.21
CA LYS A 400 23.01 10.81 8.61
C LYS A 400 21.63 10.17 8.89
N ASP A 401 20.62 10.55 8.11
CA ASP A 401 19.24 10.15 8.37
C ASP A 401 18.71 9.06 7.43
N PHE A 402 19.53 8.63 6.47
CA PHE A 402 19.06 7.70 5.46
C PHE A 402 20.09 6.63 5.11
N THR A 403 19.62 5.44 4.74
CA THR A 403 20.50 4.35 4.31
C THR A 403 20.09 3.90 2.91
N ASP A 404 21.06 3.43 2.13
CA ASP A 404 20.79 2.92 0.79
C ASP A 404 20.10 3.97 -0.10
N VAL A 405 20.59 5.20 -0.03
CA VAL A 405 20.14 6.29 -0.90
C VAL A 405 20.69 6.11 -2.32
N PRO A 406 19.85 5.86 -3.32
CA PRO A 406 20.36 5.72 -4.68
C PRO A 406 20.94 7.03 -5.15
N TYR A 407 22.10 7.00 -5.78
CA TYR A 407 22.60 8.18 -6.44
C TYR A 407 21.65 8.65 -7.53
N LEU A 408 21.00 7.70 -8.20
CA LEU A 408 20.08 7.99 -9.29
C LEU A 408 18.64 8.10 -8.77
N GLU A 409 18.00 9.25 -9.03
CA GLU A 409 16.56 9.43 -8.82
C GLU A 409 16.00 9.74 -10.19
N SER A 410 15.13 8.88 -10.68
CA SER A 410 14.70 8.98 -12.06
C SER A 410 13.37 8.28 -12.35
N ILE A 411 12.73 8.77 -13.39
CA ILE A 411 11.54 8.15 -13.94
C ILE A 411 11.37 8.60 -15.37
N ALA A 412 10.66 7.81 -16.14
CA ALA A 412 10.34 8.13 -17.51
C ALA A 412 8.84 8.33 -17.63
N VAL A 413 8.45 9.32 -18.43
CA VAL A 413 7.06 9.57 -18.74
C VAL A 413 6.84 9.39 -20.23
N TYR A 414 5.90 8.52 -20.61
CA TYR A 414 5.55 8.26 -22.00
C TYR A 414 4.30 9.02 -22.41
N ASN A 415 4.43 9.85 -23.44
CA ASN A 415 3.29 10.54 -23.99
C ASN A 415 2.97 9.94 -25.36
N GLU A 416 1.98 9.05 -25.40
CA GLU A 416 1.56 8.40 -26.65
C GLU A 416 1.07 9.38 -27.75
N GLU A 417 0.41 10.46 -27.35
CA GLU A 417 -0.17 11.41 -28.29
C GLU A 417 0.90 12.21 -29.05
N LYS A 418 1.95 12.61 -28.33
CA LYS A 418 3.09 13.33 -28.87
C LYS A 418 4.15 12.35 -29.37
N GLU A 419 3.97 11.07 -29.09
CA GLU A 419 4.99 10.05 -29.34
C GLU A 419 6.33 10.46 -28.76
N GLU A 420 6.34 10.84 -27.49
CA GLU A 420 7.55 11.23 -26.78
C GLU A 420 7.74 10.44 -25.47
N VAL A 421 8.99 10.23 -25.09
CA VAL A 421 9.34 9.61 -23.81
C VAL A 421 10.37 10.53 -23.21
N THR A 422 10.17 10.91 -21.95
CA THR A 422 11.06 11.84 -21.27
C THR A 422 11.58 11.22 -20.00
N ILE A 423 12.88 11.27 -19.84
CA ILE A 423 13.54 10.74 -18.68
C ILE A 423 14.00 11.90 -17.85
N PHE A 424 13.46 11.99 -16.63
CA PHE A 424 13.91 12.94 -15.65
C PHE A 424 14.86 12.21 -14.74
N ALA A 425 16.00 12.82 -14.45
CA ALA A 425 17.00 12.16 -13.64
C ALA A 425 17.83 13.16 -12.88
N VAL A 426 18.00 12.89 -11.59
CA VAL A 426 18.95 13.58 -10.76
C VAL A 426 20.08 12.60 -10.44
N ASN A 427 21.31 13.09 -10.56
CA ASN A 427 22.47 12.43 -9.99
C ASN A 427 22.85 13.17 -8.70
N ARG A 428 22.68 12.52 -7.55
CA ARG A 428 22.96 13.13 -6.25
C ARG A 428 24.46 13.10 -5.92
N ASP A 429 25.23 12.31 -6.66
CA ASP A 429 26.67 12.12 -6.38
C ASP A 429 27.33 13.48 -6.39
N MET A 430 27.97 13.82 -5.26
CA MET A 430 28.62 15.09 -5.08
C MET A 430 30.01 15.23 -5.76
N GLU A 431 30.55 14.14 -6.29
CA GLU A 431 31.89 14.17 -6.88
C GLU A 431 31.99 13.57 -8.30
N ASP A 432 31.25 12.49 -8.57
CA ASP A 432 31.39 11.77 -9.83
C ASP A 432 30.15 11.82 -10.71
N ALA A 433 30.39 11.75 -12.02
CA ALA A 433 29.36 11.49 -13.00
C ALA A 433 28.77 10.06 -12.88
N LEU A 434 27.54 9.91 -13.34
CA LEU A 434 26.83 8.66 -13.30
C LEU A 434 26.53 8.26 -14.74
N LEU A 435 26.98 7.08 -15.14
CA LEU A 435 26.76 6.62 -16.50
C LEU A 435 25.46 5.81 -16.54
N LEU A 436 24.40 6.47 -16.98
CA LEU A 436 23.09 5.86 -17.05
C LEU A 436 22.90 5.09 -18.36
N GLU A 437 22.43 3.85 -18.25
CA GLU A 437 22.02 3.07 -19.41
C GLU A 437 20.55 2.69 -19.31
N CYS A 438 19.75 3.08 -20.30
CA CYS A 438 18.34 2.76 -20.32
C CYS A 438 17.98 1.78 -21.41
N ASP A 439 17.43 0.64 -21.03
CA ASP A 439 16.95 -0.34 -21.95
C ASP A 439 15.57 0.12 -22.51
N VAL A 440 15.57 0.60 -23.77
CA VAL A 440 14.37 1.10 -24.45
C VAL A 440 13.96 0.26 -25.66
N ARG A 441 14.20 -1.05 -25.57
CA ARG A 441 13.78 -1.98 -26.61
C ARG A 441 12.26 -1.88 -26.86
N SER A 442 11.52 -1.57 -25.79
CA SER A 442 10.07 -1.41 -25.86
C SER A 442 9.61 -0.28 -26.78
N PHE A 443 10.47 0.71 -27.01
CA PHE A 443 10.14 1.85 -27.89
C PHE A 443 10.90 1.81 -29.22
N GLU A 444 10.17 1.56 -30.29
CA GLU A 444 10.75 1.36 -31.63
C GLU A 444 10.79 2.68 -32.41
N ASP A 445 11.92 2.92 -33.09
CA ASP A 445 12.10 4.07 -33.97
C ASP A 445 12.24 5.40 -33.22
N TYR A 446 12.69 5.33 -31.96
CA TYR A 446 12.83 6.53 -31.13
C TYR A 446 14.27 7.06 -31.25
N ARG A 447 14.42 8.36 -31.11
CA ARG A 447 15.72 9.01 -31.13
C ARG A 447 15.79 10.05 -30.04
N VAL A 448 16.99 10.49 -29.73
CA VAL A 448 17.20 11.55 -28.78
C VAL A 448 16.96 12.95 -29.40
N ILE A 449 16.00 13.68 -28.84
CA ILE A 449 15.73 15.05 -29.26
C ILE A 449 16.74 15.97 -28.63
N GLU A 450 16.90 15.88 -27.31
CA GLU A 450 17.83 16.73 -26.58
C GLU A 450 18.05 16.24 -25.18
N HIS A 451 19.13 16.71 -24.57
CA HIS A 451 19.41 16.37 -23.18
C HIS A 451 19.68 17.62 -22.40
N ILE A 452 18.70 18.07 -21.59
CA ILE A 452 18.81 19.30 -20.84
C ILE A 452 19.46 19.00 -19.53
N VAL A 453 20.37 19.86 -19.11
CA VAL A 453 21.10 19.72 -17.86
C VAL A 453 21.06 21.00 -17.10
N LEU A 454 20.74 20.88 -15.81
CA LEU A 454 20.90 21.96 -14.84
C LEU A 454 21.99 21.57 -13.88
N GLU A 455 23.08 22.33 -13.90
CA GLU A 455 24.24 22.09 -13.05
C GLU A 455 24.91 23.40 -12.72
N HIS A 456 25.59 23.42 -11.59
CA HIS A 456 26.44 24.54 -11.21
C HIS A 456 27.44 24.05 -10.17
N ASP A 457 28.70 24.48 -10.30
CA ASP A 457 29.78 24.09 -9.39
C ASP A 457 29.51 24.37 -7.91
N ASN A 458 28.81 25.45 -7.65
CA ASN A 458 28.54 25.89 -6.30
C ASN A 458 27.06 25.64 -5.95
N VAL A 459 26.80 24.67 -5.08
CA VAL A 459 25.42 24.34 -4.71
C VAL A 459 24.68 25.45 -4.00
N LYS A 460 25.42 26.37 -3.40
CA LYS A 460 24.86 27.54 -2.72
C LYS A 460 24.66 28.75 -3.62
N GLN A 461 24.92 28.63 -4.91
CA GLN A 461 24.74 29.74 -5.82
C GLN A 461 23.24 29.97 -6.04
N THR A 462 22.85 31.24 -5.94
CA THR A 462 21.47 31.69 -6.19
C THR A 462 21.35 32.50 -7.48
N ASN A 463 20.10 32.66 -7.93
CA ASN A 463 19.76 33.62 -8.96
C ASN A 463 19.29 34.92 -8.30
N SER A 464 19.17 35.96 -9.11
CA SER A 464 18.77 37.29 -8.63
C SER A 464 18.20 38.12 -9.78
N ALA A 465 17.71 39.31 -9.49
CA ALA A 465 17.16 40.19 -10.52
C ALA A 465 18.32 40.64 -11.44
N GLN A 466 19.48 40.84 -10.84
CA GLN A 466 20.68 41.33 -11.54
C GLN A 466 21.27 40.26 -12.51
N SER A 467 21.29 38.99 -12.09
CA SER A 467 21.93 37.93 -12.90
C SER A 467 21.52 36.53 -12.50
N SER A 468 21.50 35.64 -13.49
CA SER A 468 21.08 34.26 -13.30
C SER A 468 22.13 33.26 -13.73
N PRO A 469 23.10 33.04 -12.86
CA PRO A 469 24.15 32.05 -13.11
C PRO A 469 23.67 30.59 -13.13
N VAL A 470 22.51 30.32 -12.51
CA VAL A 470 21.97 28.97 -12.47
C VAL A 470 20.85 28.84 -13.50
N VAL A 471 21.19 28.33 -14.68
CA VAL A 471 20.24 28.18 -15.77
C VAL A 471 20.53 26.89 -16.55
N PRO A 472 19.51 26.29 -17.14
CA PRO A 472 19.72 25.06 -17.93
C PRO A 472 20.56 25.29 -19.19
N HIS A 473 21.21 24.23 -19.63
CA HIS A 473 21.80 24.13 -20.96
C HIS A 473 21.36 22.83 -21.63
N ARG A 474 21.68 22.68 -22.91
CA ARG A 474 21.18 21.58 -23.73
C ARG A 474 22.30 20.75 -24.36
N ASN A 475 23.44 20.76 -23.71
CA ASN A 475 24.61 20.03 -24.13
C ASN A 475 24.80 18.69 -23.46
N GLY A 476 23.75 18.11 -22.89
CA GLY A 476 23.85 16.75 -22.41
C GLY A 476 24.16 15.79 -23.54
N ASP A 477 24.83 14.69 -23.21
CA ASP A 477 25.40 13.80 -24.23
C ASP A 477 24.58 12.54 -24.51
N ALA A 478 23.33 12.50 -24.02
CA ALA A 478 22.53 11.31 -24.21
C ALA A 478 22.51 10.92 -25.68
N GLN A 479 22.67 9.63 -25.94
CA GLN A 479 22.59 9.10 -27.28
C GLN A 479 21.87 7.75 -27.28
N LEU A 480 21.16 7.45 -28.36
CA LEU A 480 20.36 6.24 -28.43
C LEU A 480 20.93 5.30 -29.51
N SER A 481 21.32 4.11 -29.09
CA SER A 481 21.98 3.14 -29.95
C SER A 481 21.62 1.71 -29.57
N ASP A 482 21.32 0.91 -30.59
CA ASP A 482 20.67 -0.41 -30.50
C ASP A 482 19.74 -0.56 -29.29
N ARG A 483 18.72 0.29 -29.28
CA ARG A 483 17.67 0.21 -28.26
C ARG A 483 18.17 0.49 -26.84
N LYS A 484 19.31 1.17 -26.70
CA LYS A 484 19.82 1.64 -25.40
C LYS A 484 20.10 3.14 -25.43
N VAL A 485 19.56 3.86 -24.45
CA VAL A 485 19.95 5.23 -24.23
C VAL A 485 21.13 5.23 -23.26
N SER A 486 22.26 5.76 -23.67
CA SER A 486 23.39 5.96 -22.76
C SER A 486 23.54 7.45 -22.54
N ALA A 487 23.56 7.88 -21.28
CA ALA A 487 23.76 9.30 -20.97
C ALA A 487 24.69 9.44 -19.80
N THR A 488 25.50 10.49 -19.81
CA THR A 488 26.36 10.88 -18.69
C THR A 488 25.61 11.93 -17.89
N LEU A 489 25.33 11.61 -16.63
CA LEU A 489 24.64 12.53 -15.74
C LEU A 489 25.74 13.16 -14.92
N PRO A 490 26.06 14.45 -15.14
CA PRO A 490 27.15 15.06 -14.36
C PRO A 490 26.88 14.96 -12.90
N LYS A 491 27.91 15.16 -12.09
CA LYS A 491 27.76 15.26 -10.65
C LYS A 491 26.73 16.35 -10.33
N LEU A 492 25.90 16.12 -9.31
CA LEU A 492 24.95 17.11 -8.80
C LEU A 492 24.21 17.78 -9.95
N SER A 493 23.45 17.00 -10.69
CA SER A 493 22.79 17.49 -11.88
C SER A 493 21.33 17.03 -11.94
N TRP A 494 20.48 17.93 -12.41
CA TRP A 494 19.13 17.65 -12.89
C TRP A 494 19.19 17.47 -14.41
N ASN A 495 18.60 16.40 -14.91
CA ASN A 495 18.65 16.04 -16.32
C ASN A 495 17.28 15.74 -16.88
N VAL A 496 17.02 16.21 -18.09
CA VAL A 496 15.78 15.93 -18.80
C VAL A 496 16.20 15.42 -20.16
N ILE A 497 16.07 14.11 -20.37
CA ILE A 497 16.37 13.46 -21.65
C ILE A 497 15.10 13.21 -22.42
N ARG A 498 14.94 13.92 -23.51
CA ARG A 498 13.72 13.87 -24.30
C ARG A 498 13.98 13.01 -25.53
N LEU A 499 13.12 12.02 -25.73
CA LEU A 499 13.13 11.12 -26.86
C LEU A 499 11.86 11.31 -27.67
N GLY A 500 11.97 11.10 -28.97
CA GLY A 500 10.85 11.24 -29.89
C GLY A 500 10.98 10.35 -31.10
N LYS A 501 9.99 10.43 -31.98
CA LYS A 501 9.81 9.52 -33.12
C LYS A 501 9.32 8.15 -32.66
N LYS B 5 -7.18 -15.59 -26.14
CA LYS B 5 -5.77 -15.09 -26.10
C LYS B 5 -5.43 -14.21 -24.88
N ALA B 6 -4.29 -14.50 -24.25
CA ALA B 6 -3.72 -13.68 -23.17
C ALA B 6 -2.19 -13.59 -23.29
N THR B 7 -1.62 -12.48 -22.84
CA THR B 7 -0.17 -12.31 -22.84
C THR B 7 0.33 -12.01 -21.44
N MET B 8 1.63 -12.24 -21.25
CA MET B 8 2.28 -12.12 -19.95
C MET B 8 3.75 -11.84 -20.19
N ILE B 9 4.31 -10.83 -19.53
CA ILE B 9 5.74 -10.58 -19.60
C ILE B 9 6.37 -11.19 -18.36
N ILE B 10 7.43 -11.95 -18.56
CA ILE B 10 8.11 -12.60 -17.46
C ILE B 10 9.51 -11.98 -17.45
N GLU B 11 9.62 -10.86 -16.72
CA GLU B 11 10.84 -10.07 -16.62
C GLU B 11 11.58 -10.35 -15.33
N LYS B 12 12.68 -11.05 -15.48
CA LYS B 12 13.64 -11.29 -14.43
C LYS B 12 13.86 -10.15 -13.45
N ASP B 13 14.03 -8.93 -13.95
CA ASP B 13 14.38 -7.81 -13.10
C ASP B 13 13.20 -7.07 -12.49
N PHE B 14 11.97 -7.46 -12.81
CA PHE B 14 10.79 -6.86 -12.19
C PHE B 14 10.24 -7.84 -11.15
N LYS B 15 10.68 -7.67 -9.91
CA LYS B 15 10.50 -8.67 -8.85
C LYS B 15 9.59 -8.16 -7.74
N ILE B 16 8.76 -9.02 -7.21
CA ILE B 16 8.00 -8.69 -5.98
C ILE B 16 8.88 -8.89 -4.76
N ALA B 17 9.31 -10.13 -4.54
CA ALA B 17 10.14 -10.49 -3.38
C ALA B 17 10.45 -11.97 -3.39
N GLU B 18 11.43 -12.35 -2.59
CA GLU B 18 11.71 -13.74 -2.30
C GLU B 18 10.50 -14.28 -1.54
N ILE B 19 9.99 -15.43 -1.99
CA ILE B 19 8.93 -16.11 -1.27
C ILE B 19 9.51 -16.75 -0.03
N ASP B 20 8.91 -16.41 1.11
CA ASP B 20 9.17 -17.12 2.34
C ASP B 20 8.48 -18.49 2.26
N LYS B 21 9.25 -19.57 2.47
CA LYS B 21 8.68 -20.91 2.30
C LYS B 21 7.53 -21.20 3.25
N ARG B 22 7.46 -20.44 4.33
CA ARG B 22 6.36 -20.58 5.27
C ARG B 22 4.98 -20.19 4.73
N ILE B 23 4.88 -19.59 3.54
CA ILE B 23 3.58 -19.42 2.88
C ILE B 23 2.97 -20.75 2.43
N TYR B 24 3.75 -21.84 2.50
CA TYR B 24 3.27 -23.19 2.26
C TYR B 24 3.06 -23.99 3.54
N GLY B 25 2.75 -23.30 4.63
CA GLY B 25 2.45 -23.97 5.87
C GLY B 25 1.05 -24.55 5.92
N SER B 26 0.75 -25.18 7.05
CA SER B 26 -0.56 -25.72 7.31
C SER B 26 -0.82 -25.63 8.82
N PHE B 27 -1.77 -26.40 9.29
CA PHE B 27 -2.42 -26.22 10.60
C PHE B 27 -3.10 -27.52 11.02
N ILE B 28 -2.84 -27.96 12.24
CA ILE B 28 -3.59 -29.05 12.86
C ILE B 28 -4.12 -28.57 14.20
N GLU B 29 -5.43 -28.66 14.33
CA GLU B 29 -6.14 -28.45 15.57
C GLU B 29 -6.60 -29.75 16.22
N HIS B 30 -6.78 -29.71 17.54
CA HIS B 30 -7.54 -30.77 18.22
C HIS B 30 -9.01 -30.54 17.92
N LEU B 31 -9.42 -31.05 16.76
CA LEU B 31 -10.73 -30.86 16.21
C LEU B 31 -11.04 -32.13 15.42
N GLY B 32 -12.19 -32.73 15.65
CA GLY B 32 -12.59 -33.92 14.92
C GLY B 32 -11.52 -35.00 14.90
N ARG B 33 -11.25 -35.51 13.70
CA ARG B 33 -10.26 -36.53 13.48
C ARG B 33 -8.92 -36.02 12.94
N ALA B 34 -8.59 -34.75 13.13
CA ALA B 34 -7.30 -34.24 12.68
C ALA B 34 -6.14 -34.94 13.42
N VAL B 35 -6.26 -35.06 14.74
CA VAL B 35 -5.25 -35.73 15.54
C VAL B 35 -5.66 -37.21 15.67
N TYR B 36 -6.76 -37.46 16.38
CA TYR B 36 -7.19 -38.81 16.71
C TYR B 36 -7.87 -39.45 15.51
N GLY B 37 -7.17 -40.36 14.86
CA GLY B 37 -7.66 -40.90 13.60
C GLY B 37 -7.05 -40.24 12.39
N GLY B 38 -6.22 -39.21 12.61
CA GLY B 38 -5.58 -38.47 11.53
C GLY B 38 -4.10 -38.73 11.62
N ILE B 39 -3.36 -37.88 12.33
CA ILE B 39 -1.93 -38.10 12.46
C ILE B 39 -1.63 -39.30 13.37
N TYR B 40 -2.54 -39.59 14.30
CA TYR B 40 -2.33 -40.52 15.41
C TYR B 40 -3.45 -41.56 15.49
N GLU B 41 -3.07 -42.83 15.29
CA GLU B 41 -4.01 -43.93 15.31
C GLU B 41 -3.31 -45.21 15.77
N PRO B 42 -3.22 -45.42 17.08
CA PRO B 42 -2.61 -46.64 17.58
C PRO B 42 -3.32 -47.87 17.03
N GLY B 43 -2.53 -48.87 16.67
CA GLY B 43 -3.11 -50.10 16.14
C GLY B 43 -3.39 -50.07 14.66
N HIS B 44 -3.32 -48.90 14.02
CA HIS B 44 -3.36 -48.86 12.55
C HIS B 44 -2.23 -49.75 12.04
N PRO B 45 -2.45 -50.52 10.97
CA PRO B 45 -1.36 -51.28 10.35
C PRO B 45 -0.16 -50.44 9.95
N GLN B 46 -0.36 -49.16 9.61
CA GLN B 46 0.75 -48.31 9.25
C GLN B 46 1.27 -47.44 10.42
N ALA B 47 0.73 -47.63 11.61
CA ALA B 47 1.16 -46.89 12.79
C ALA B 47 2.57 -47.26 13.20
N ASP B 48 3.38 -46.28 13.57
CA ASP B 48 4.72 -46.56 14.09
C ASP B 48 4.66 -46.87 15.60
N GLU B 49 5.81 -47.07 16.22
CA GLU B 49 5.85 -47.46 17.63
C GLU B 49 5.25 -46.38 18.54
N ASN B 50 5.25 -45.12 18.10
CA ASN B 50 4.56 -44.04 18.81
C ASN B 50 3.07 -43.80 18.43
N GLY B 51 2.55 -44.65 17.55
CA GLY B 51 1.16 -44.60 17.15
C GLY B 51 0.86 -43.66 15.99
N PHE B 52 1.87 -43.06 15.39
CA PHE B 52 1.63 -42.15 14.28
C PHE B 52 1.52 -42.94 12.97
N ARG B 53 0.51 -42.60 12.19
CA ARG B 53 0.30 -43.20 10.89
C ARG B 53 1.39 -42.81 9.89
N GLN B 54 2.13 -43.81 9.42
CA GLN B 54 3.20 -43.60 8.47
C GLN B 54 2.69 -43.16 7.10
N ASP B 55 1.51 -43.60 6.72
CA ASP B 55 0.97 -43.21 5.43
C ASP B 55 0.69 -41.69 5.36
N VAL B 56 0.08 -41.17 6.42
CA VAL B 56 -0.10 -39.71 6.58
C VAL B 56 1.23 -38.96 6.61
N ILE B 57 2.22 -39.46 7.33
CA ILE B 57 3.55 -38.84 7.36
C ILE B 57 4.14 -38.69 5.96
N GLU B 58 4.07 -39.74 5.14
CA GLU B 58 4.55 -39.64 3.78
C GLU B 58 3.76 -38.62 2.91
N LEU B 59 2.43 -38.57 3.05
CA LEU B 59 1.62 -37.62 2.27
C LEU B 59 1.91 -36.17 2.62
N VAL B 60 2.18 -35.94 3.89
CA VAL B 60 2.59 -34.62 4.37
C VAL B 60 4.01 -34.28 3.86
N LYS B 61 4.95 -35.22 3.91
CA LYS B 61 6.30 -34.94 3.47
C LYS B 61 6.32 -34.55 1.99
N GLU B 62 5.47 -35.21 1.19
CA GLU B 62 5.41 -34.95 -0.23
C GLU B 62 4.92 -33.52 -0.51
N LEU B 63 4.12 -32.94 0.41
CA LEU B 63 3.67 -31.54 0.31
C LEU B 63 4.74 -30.51 0.69
N GLN B 64 5.77 -30.97 1.40
CA GLN B 64 6.91 -30.15 1.84
C GLN B 64 6.47 -28.97 2.71
N VAL B 65 5.52 -29.23 3.59
CA VAL B 65 4.98 -28.21 4.52
C VAL B 65 6.06 -27.81 5.51
N PRO B 66 6.51 -26.55 5.51
CA PRO B 66 7.60 -26.17 6.43
C PRO B 66 7.24 -25.86 7.89
N ILE B 67 5.99 -25.54 8.14
CA ILE B 67 5.52 -25.02 9.42
C ILE B 67 4.07 -25.38 9.59
N ILE B 68 3.71 -25.81 10.79
CA ILE B 68 2.36 -26.26 11.10
C ILE B 68 1.91 -25.58 12.41
N ARG B 69 0.83 -24.83 12.31
CA ARG B 69 0.18 -24.18 13.44
C ARG B 69 -0.53 -25.23 14.27
N TYR B 70 -0.51 -25.04 15.59
CA TYR B 70 -0.99 -26.04 16.54
C TYR B 70 -1.08 -25.35 17.92
N PRO B 71 -1.98 -25.74 18.83
CA PRO B 71 -3.07 -26.72 18.68
C PRO B 71 -4.44 -26.14 18.30
N GLY B 72 -4.49 -24.86 17.97
CA GLY B 72 -5.74 -24.23 17.57
C GLY B 72 -5.47 -22.80 17.17
N GLY B 73 -6.47 -22.08 16.63
CA GLY B 73 -7.84 -22.56 16.49
C GLY B 73 -8.66 -22.42 17.77
N ASN B 74 -9.96 -22.55 17.58
CA ASN B 74 -10.94 -22.30 18.64
C ASN B 74 -10.64 -23.12 19.89
N PHE B 75 -10.15 -24.33 19.68
CA PHE B 75 -9.70 -25.20 20.78
C PHE B 75 -8.76 -24.54 21.80
N VAL B 76 -7.79 -23.76 21.32
CA VAL B 76 -6.72 -23.31 22.21
C VAL B 76 -7.24 -22.31 23.25
N SER B 77 -8.35 -21.65 22.95
CA SER B 77 -8.85 -20.58 23.81
C SER B 77 -9.46 -21.07 25.12
N GLY B 78 -9.73 -22.38 25.19
CA GLY B 78 -10.15 -23.00 26.45
C GLY B 78 -9.25 -24.13 26.98
N TYR B 79 -8.04 -24.25 26.40
CA TYR B 79 -7.09 -25.32 26.67
C TYR B 79 -6.05 -24.96 27.67
N ASN B 80 -5.76 -25.91 28.56
CA ASN B 80 -4.65 -25.77 29.49
C ASN B 80 -3.49 -26.65 29.02
N TRP B 81 -2.35 -26.07 28.66
CA TRP B 81 -1.22 -26.84 28.08
C TRP B 81 -0.72 -27.95 29.03
N GLU B 82 -0.79 -27.70 30.35
CA GLU B 82 -0.31 -28.67 31.34
C GLU B 82 -1.12 -29.98 31.31
N ASP B 83 -2.37 -29.89 30.86
CA ASP B 83 -3.25 -31.05 30.79
C ASP B 83 -2.77 -32.07 29.77
N GLY B 84 -1.92 -31.67 28.83
CA GLY B 84 -1.48 -32.55 27.75
C GLY B 84 -0.01 -32.96 27.89
N VAL B 85 0.59 -32.72 29.04
CA VAL B 85 1.97 -33.16 29.28
C VAL B 85 2.10 -34.05 30.52
N GLY B 86 3.20 -34.78 30.56
CA GLY B 86 3.50 -35.69 31.65
C GLY B 86 2.84 -37.03 31.48
N PRO B 87 2.94 -37.87 32.50
CA PRO B 87 2.37 -39.21 32.42
C PRO B 87 0.89 -39.20 32.06
N LYS B 88 0.50 -40.08 31.13
CA LYS B 88 -0.86 -40.11 30.64
C LYS B 88 -1.89 -40.29 31.74
N GLU B 89 -1.56 -41.02 32.82
CA GLU B 89 -2.54 -41.32 33.87
C GLU B 89 -3.00 -40.10 34.63
N GLN B 90 -2.15 -39.08 34.66
CA GLN B 90 -2.43 -37.85 35.34
C GLN B 90 -3.05 -36.79 34.41
N ARG B 91 -3.22 -37.11 33.11
CA ARG B 91 -3.87 -36.17 32.19
C ARG B 91 -5.40 -36.25 32.30
N PRO B 92 -6.06 -35.13 32.56
CA PRO B 92 -7.53 -35.14 32.73
C PRO B 92 -8.30 -35.19 31.42
N ARG B 93 -9.51 -35.72 31.50
CA ARG B 93 -10.45 -35.65 30.39
C ARG B 93 -11.14 -34.32 30.54
N ARG B 94 -11.14 -33.52 29.47
CA ARG B 94 -11.74 -32.21 29.48
C ARG B 94 -12.90 -32.09 28.51
N LEU B 95 -13.85 -31.21 28.85
CA LEU B 95 -14.85 -30.76 27.90
C LEU B 95 -14.26 -29.64 27.07
N ASP B 96 -14.00 -29.94 25.81
CA ASP B 96 -13.61 -28.91 24.84
C ASP B 96 -14.85 -28.17 24.38
N LEU B 97 -14.99 -26.92 24.79
CA LEU B 97 -16.22 -26.20 24.51
C LEU B 97 -16.23 -25.65 23.10
N ALA B 98 -15.06 -25.59 22.45
CA ALA B 98 -14.98 -25.10 21.06
C ALA B 98 -15.74 -26.03 20.11
N TRP B 99 -15.54 -27.34 20.26
CA TRP B 99 -16.12 -28.33 19.34
C TRP B 99 -17.01 -29.34 20.07
N LYS B 100 -17.39 -28.99 21.32
CA LYS B 100 -18.29 -29.83 22.12
C LYS B 100 -17.89 -31.30 22.07
N SER B 101 -16.62 -31.55 22.33
CA SER B 101 -16.06 -32.88 22.37
C SER B 101 -15.39 -33.13 23.71
N VAL B 102 -15.25 -34.40 24.09
CA VAL B 102 -14.43 -34.75 25.21
C VAL B 102 -13.01 -34.96 24.69
N GLU B 103 -12.08 -34.11 25.16
CA GLU B 103 -10.68 -34.23 24.83
C GLU B 103 -9.96 -35.04 25.91
N THR B 104 -9.36 -36.14 25.50
CA THR B 104 -8.68 -37.00 26.47
C THR B 104 -7.27 -36.55 26.78
N ASN B 105 -6.67 -35.75 25.88
CA ASN B 105 -5.33 -35.24 26.04
C ASN B 105 -4.29 -36.35 25.90
N GLU B 106 -4.68 -37.43 25.23
CA GLU B 106 -3.74 -38.53 24.98
C GLU B 106 -2.59 -38.06 24.12
N ILE B 107 -2.86 -37.11 23.22
CA ILE B 107 -1.86 -36.32 22.55
C ILE B 107 -1.84 -34.92 23.18
N GLY B 108 -0.65 -34.48 23.58
CA GLY B 108 -0.41 -33.09 23.94
C GLY B 108 0.85 -32.60 23.27
N LEU B 109 1.42 -31.49 23.75
CA LEU B 109 2.32 -30.77 22.89
C LEU B 109 3.62 -31.54 22.58
N ASN B 110 4.10 -32.35 23.51
CA ASN B 110 5.36 -33.05 23.30
C ASN B 110 5.21 -34.16 22.23
N GLU B 111 4.07 -34.85 22.23
CA GLU B 111 3.79 -35.83 21.19
C GLU B 111 3.58 -35.14 19.84
N PHE B 112 2.96 -33.96 19.84
CA PHE B 112 2.84 -33.25 18.57
C PHE B 112 4.20 -32.88 18.02
N MET B 113 5.13 -32.46 18.88
CA MET B 113 6.47 -32.07 18.43
C MET B 113 7.21 -33.27 17.86
N ASP B 114 7.03 -34.43 18.49
CA ASP B 114 7.52 -35.73 17.94
C ASP B 114 6.99 -35.97 16.53
N TRP B 115 5.67 -35.78 16.31
CA TRP B 115 5.10 -35.94 14.99
C TRP B 115 5.65 -34.93 13.97
N ALA B 116 5.77 -33.68 14.39
CA ALA B 116 6.21 -32.63 13.49
C ALA B 116 7.64 -32.89 13.02
N LYS B 117 8.45 -33.45 13.90
CA LYS B 117 9.82 -33.81 13.55
C LYS B 117 9.84 -34.85 12.42
N MET B 118 8.90 -35.76 12.44
CA MET B 118 8.86 -36.83 11.44
C MET B 118 8.46 -36.35 10.06
N VAL B 119 7.67 -35.28 9.98
CA VAL B 119 7.30 -34.69 8.69
C VAL B 119 8.20 -33.50 8.27
N GLY B 120 9.19 -33.17 9.10
CA GLY B 120 10.18 -32.13 8.83
C GLY B 120 9.67 -30.70 8.97
N ALA B 121 8.62 -30.53 9.78
CA ALA B 121 7.98 -29.22 9.94
C ALA B 121 8.32 -28.65 11.28
N GLU B 122 8.51 -27.34 11.31
CA GLU B 122 8.55 -26.62 12.57
C GLU B 122 7.09 -26.36 13.01
N VAL B 123 6.90 -25.98 14.25
CA VAL B 123 5.56 -25.80 14.79
C VAL B 123 5.37 -24.32 15.14
N ASN B 124 4.23 -23.78 14.72
CA ASN B 124 3.82 -22.42 15.07
C ASN B 124 2.85 -22.62 16.24
N MET B 125 3.34 -22.47 17.47
CA MET B 125 2.59 -22.84 18.68
C MET B 125 1.67 -21.70 19.11
N ALA B 126 0.40 -22.00 19.34
CA ALA B 126 -0.56 -21.02 19.84
C ALA B 126 -0.71 -21.12 21.36
N VAL B 127 -0.82 -19.96 22.02
CA VAL B 127 -1.10 -19.90 23.45
C VAL B 127 -2.56 -19.44 23.69
N ASN B 128 -3.11 -19.93 24.78
CA ASN B 128 -4.46 -19.61 25.23
C ASN B 128 -4.49 -18.20 25.82
N LEU B 129 -5.14 -17.25 25.15
CA LEU B 129 -5.46 -15.95 25.78
C LEU B 129 -6.97 -15.73 25.94
N GLY B 130 -7.71 -16.83 25.99
CA GLY B 130 -9.16 -16.81 26.22
C GLY B 130 -9.40 -16.95 27.71
N THR B 131 -9.25 -18.16 28.23
CA THR B 131 -9.36 -18.40 29.65
C THR B 131 -8.07 -18.17 30.42
N ARG B 132 -6.95 -18.05 29.73
CA ARG B 132 -5.67 -17.81 30.38
C ARG B 132 -4.98 -16.55 29.87
N GLY B 133 -3.78 -16.29 30.37
CA GLY B 133 -3.14 -14.99 30.19
C GLY B 133 -1.63 -15.05 30.23
N ILE B 134 -1.03 -14.02 30.82
CA ILE B 134 0.40 -13.84 30.60
C ILE B 134 1.21 -14.84 31.38
N ASP B 135 0.72 -15.29 32.52
CA ASP B 135 1.56 -16.24 33.31
C ASP B 135 1.68 -17.58 32.58
N ALA B 136 0.57 -18.09 32.08
CA ALA B 136 0.60 -19.35 31.35
C ALA B 136 1.43 -19.22 30.07
N ALA B 137 1.46 -18.02 29.51
CA ALA B 137 2.22 -17.75 28.29
C ALA B 137 3.71 -17.83 28.54
N ARG B 138 4.18 -17.14 29.55
CA ARG B 138 5.60 -17.22 29.86
C ARG B 138 5.99 -18.64 30.25
N ASN B 139 5.14 -19.30 31.03
CA ASN B 139 5.49 -20.62 31.52
C ASN B 139 5.59 -21.61 30.35
N LEU B 140 4.70 -21.50 29.38
CA LEU B 140 4.78 -22.43 28.23
C LEU B 140 6.03 -22.19 27.37
N VAL B 141 6.44 -20.92 27.18
CA VAL B 141 7.65 -20.62 26.46
C VAL B 141 8.85 -21.18 27.22
N GLU B 142 8.81 -21.04 28.54
CA GLU B 142 9.88 -21.56 29.37
C GLU B 142 9.95 -23.08 29.23
N TYR B 143 8.81 -23.75 29.38
CA TYR B 143 8.71 -25.21 29.27
C TYR B 143 9.28 -25.67 27.92
N CYS B 144 8.89 -25.01 26.83
CA CYS B 144 9.30 -25.43 25.50
C CYS B 144 10.73 -25.07 25.14
N ASN B 145 11.21 -23.89 25.57
CA ASN B 145 12.39 -23.28 24.99
C ASN B 145 13.60 -23.07 25.92
N HIS B 146 13.39 -23.00 27.22
CA HIS B 146 14.50 -22.74 28.15
C HIS B 146 15.26 -24.06 28.33
N PRO B 147 16.59 -24.06 28.25
CA PRO B 147 17.30 -25.34 28.29
C PRO B 147 17.10 -26.22 29.53
N SER B 148 17.24 -25.65 30.71
CA SER B 148 17.26 -26.40 31.98
C SER B 148 17.49 -25.44 33.15
N GLY B 149 17.36 -25.95 34.38
CA GLY B 149 17.70 -25.21 35.57
C GLY B 149 16.61 -24.32 36.16
N SER B 150 15.37 -24.46 35.65
CA SER B 150 14.20 -23.81 36.24
C SER B 150 13.11 -24.87 36.36
N TYR B 151 12.11 -24.60 37.17
CA TYR B 151 11.06 -25.58 37.36
C TYR B 151 10.47 -26.04 36.03
N TYR B 152 10.03 -25.13 35.16
CA TYR B 152 9.35 -25.58 33.93
C TYR B 152 10.25 -26.24 32.89
N SER B 153 11.51 -25.80 32.79
CA SER B 153 12.42 -26.40 31.83
C SER B 153 12.81 -27.79 32.33
N ASP B 154 13.08 -27.91 33.62
CA ASP B 154 13.38 -29.24 34.19
C ASP B 154 12.18 -30.20 34.14
N LEU B 155 10.97 -29.65 34.13
CA LEU B 155 9.76 -30.46 34.00
C LEU B 155 9.70 -31.07 32.61
N ARG B 156 10.00 -30.28 31.58
CA ARG B 156 10.03 -30.79 30.24
C ARG B 156 11.07 -31.94 30.12
N ILE B 157 12.24 -31.71 30.72
CA ILE B 157 13.26 -32.76 30.79
C ILE B 157 12.73 -34.03 31.47
N ALA B 158 12.11 -33.87 32.63
CA ALA B 158 11.52 -34.98 33.37
C ALA B 158 10.46 -35.72 32.57
N HIS B 159 9.78 -34.99 31.69
CA HIS B 159 8.76 -35.59 30.82
C HIS B 159 9.32 -36.35 29.61
N GLY B 160 10.64 -36.38 29.45
CA GLY B 160 11.32 -37.15 28.40
C GLY B 160 11.93 -36.40 27.26
N TYR B 161 12.00 -35.06 27.39
CA TYR B 161 12.43 -34.19 26.30
C TYR B 161 13.56 -33.30 26.76
N LYS B 162 14.79 -33.85 26.67
CA LYS B 162 15.95 -33.22 27.29
C LYS B 162 16.29 -31.92 26.60
N GLU B 163 16.30 -31.96 25.28
CA GLU B 163 16.63 -30.80 24.49
C GLU B 163 15.37 -29.96 24.35
N PRO B 164 15.50 -28.65 24.46
CA PRO B 164 14.33 -27.82 24.27
C PRO B 164 13.76 -27.93 22.86
N HIS B 165 12.45 -27.72 22.73
CA HIS B 165 11.82 -27.73 21.43
C HIS B 165 12.23 -26.56 20.54
N LYS B 166 12.59 -25.44 21.17
CA LYS B 166 13.10 -24.25 20.49
C LYS B 166 12.14 -23.78 19.41
N ILE B 167 10.89 -23.56 19.81
CA ILE B 167 9.85 -23.06 18.93
C ILE B 167 10.09 -21.58 18.60
N LYS B 168 10.16 -21.27 17.31
CA LYS B 168 10.45 -19.91 16.85
C LYS B 168 9.23 -18.98 16.85
N THR B 169 8.11 -19.43 16.31
CA THR B 169 7.00 -18.52 15.96
C THR B 169 5.76 -18.92 16.72
N TRP B 170 5.22 -17.97 17.50
CA TRP B 170 4.12 -18.23 18.41
C TRP B 170 2.89 -17.37 18.07
N CYS B 171 1.70 -17.92 18.21
CA CYS B 171 0.45 -17.19 18.04
C CYS B 171 -0.06 -16.71 19.40
N LEU B 172 -0.31 -15.40 19.51
CA LEU B 172 -0.91 -14.83 20.72
C LEU B 172 -2.41 -15.01 20.73
N GLY B 173 -2.85 -16.18 21.19
CA GLY B 173 -4.24 -16.56 21.11
C GLY B 173 -4.74 -16.92 19.74
N ASN B 174 -6.05 -17.13 19.68
CA ASN B 174 -6.76 -17.48 18.50
C ASN B 174 -8.07 -16.71 18.36
N GLU B 175 -8.25 -16.11 17.18
CA GLU B 175 -9.55 -15.60 16.74
C GLU B 175 -10.29 -14.87 17.86
N MET B 176 -9.60 -13.93 18.50
CA MET B 176 -10.11 -13.35 19.75
C MET B 176 -11.26 -12.37 19.53
N ASP B 177 -11.41 -11.88 18.30
CA ASP B 177 -12.54 -11.02 17.94
C ASP B 177 -13.87 -11.74 17.82
N GLY B 178 -13.83 -13.07 17.78
CA GLY B 178 -15.01 -13.84 17.46
C GLY B 178 -15.98 -13.95 18.62
N PRO B 179 -17.23 -13.56 18.42
CA PRO B 179 -18.25 -13.77 19.44
C PRO B 179 -18.46 -15.26 19.85
N TRP B 180 -18.12 -16.18 18.97
CA TRP B 180 -18.13 -17.64 19.21
C TRP B 180 -16.92 -18.16 19.96
N GLN B 181 -15.96 -17.29 20.26
CA GLN B 181 -14.68 -17.72 20.83
C GLN B 181 -14.79 -17.79 22.35
N ILE B 182 -14.10 -18.78 22.91
CA ILE B 182 -14.03 -18.88 24.35
C ILE B 182 -13.17 -17.69 24.82
N GLY B 183 -13.67 -16.91 25.78
CA GLY B 183 -12.89 -15.79 26.29
C GLY B 183 -12.65 -14.72 25.26
N HIS B 184 -13.65 -14.50 24.42
CA HIS B 184 -13.63 -13.40 23.44
C HIS B 184 -13.20 -12.12 24.16
N LYS B 185 -12.41 -11.31 23.45
CA LYS B 185 -11.95 -10.02 23.96
C LYS B 185 -12.21 -8.96 22.90
N THR B 186 -12.50 -7.75 23.36
CA THR B 186 -12.55 -6.58 22.46
C THR B 186 -11.15 -6.27 21.95
N ALA B 187 -11.05 -5.45 20.93
CA ALA B 187 -9.75 -5.14 20.39
C ALA B 187 -8.83 -4.51 21.42
N VAL B 188 -9.36 -3.68 22.34
CA VAL B 188 -8.51 -3.06 23.34
C VAL B 188 -8.09 -4.11 24.37
N GLU B 189 -9.06 -4.91 24.83
CA GLU B 189 -8.76 -5.96 25.82
C GLU B 189 -7.69 -6.93 25.28
N TYR B 190 -7.90 -7.38 24.04
CA TYR B 190 -6.97 -8.29 23.36
C TYR B 190 -5.61 -7.62 23.13
N GLY B 191 -5.61 -6.37 22.66
CA GLY B 191 -4.36 -5.67 22.40
C GLY B 191 -3.52 -5.59 23.66
N ARG B 192 -4.16 -5.28 24.80
CA ARG B 192 -3.45 -5.13 26.05
C ARG B 192 -2.91 -6.48 26.51
N ILE B 193 -3.71 -7.53 26.47
CA ILE B 193 -3.18 -8.83 26.97
C ILE B 193 -2.14 -9.41 26.04
N ALA B 194 -2.30 -9.20 24.73
CA ALA B 194 -1.31 -9.63 23.77
C ALA B 194 0.02 -8.91 23.92
N CYS B 195 -0.03 -7.59 24.19
CA CYS B 195 1.14 -6.80 24.49
C CYS B 195 1.87 -7.37 25.70
N GLU B 196 1.14 -7.57 26.78
CA GLU B 196 1.77 -8.01 28.03
C GLU B 196 2.26 -9.46 27.94
N ALA B 197 1.55 -10.30 27.19
CA ALA B 197 1.99 -11.68 26.95
C ALA B 197 3.25 -11.71 26.09
N ALA B 198 3.25 -10.89 25.05
CA ALA B 198 4.39 -10.79 24.14
C ALA B 198 5.64 -10.44 24.86
N LYS B 199 5.53 -9.48 25.78
CA LYS B 199 6.68 -9.02 26.52
C LYS B 199 7.28 -10.16 27.35
N VAL B 200 6.46 -10.87 28.10
CA VAL B 200 7.00 -11.90 29.00
C VAL B 200 7.53 -13.09 28.23
N MET B 201 6.90 -13.39 27.11
CA MET B 201 7.37 -14.51 26.25
C MET B 201 8.76 -14.20 25.66
N LYS B 202 8.92 -12.97 25.16
CA LYS B 202 10.22 -12.57 24.63
C LYS B 202 11.28 -12.36 25.72
N TRP B 203 10.89 -12.08 26.98
CA TRP B 203 11.87 -12.02 28.03
C TRP B 203 12.36 -13.42 28.37
N VAL B 204 11.48 -14.43 28.28
CA VAL B 204 11.95 -15.82 28.44
C VAL B 204 12.92 -16.17 27.31
N ASP B 205 12.55 -15.81 26.08
CA ASP B 205 13.35 -16.18 24.91
C ASP B 205 13.26 -15.15 23.80
N PRO B 206 14.23 -14.24 23.74
CA PRO B 206 14.21 -13.15 22.78
C PRO B 206 14.35 -13.57 21.32
N THR B 207 14.63 -14.84 21.02
CA THR B 207 14.70 -15.30 19.65
C THR B 207 13.35 -15.55 18.99
N ILE B 208 12.29 -15.55 19.77
CA ILE B 208 10.97 -15.83 19.21
C ILE B 208 10.38 -14.67 18.40
N GLU B 209 9.38 -15.03 17.59
CA GLU B 209 8.53 -14.11 16.84
C GLU B 209 7.11 -14.36 17.28
N LEU B 210 6.28 -13.32 17.18
CA LEU B 210 4.92 -13.39 17.63
C LEU B 210 3.93 -12.92 16.57
N VAL B 211 2.80 -13.60 16.53
CA VAL B 211 1.69 -13.31 15.62
C VAL B 211 0.51 -12.87 16.46
N VAL B 212 0.03 -11.65 16.21
CA VAL B 212 -1.24 -11.17 16.81
C VAL B 212 -2.43 -11.47 15.94
N CYS B 213 -3.57 -11.69 16.57
CA CYS B 213 -4.83 -12.07 15.89
C CYS B 213 -5.38 -10.91 15.09
N GLY B 214 -5.67 -11.15 13.83
CA GLY B 214 -6.52 -10.26 13.07
C GLY B 214 -7.99 -10.60 13.27
N SER B 215 -8.81 -10.00 12.43
CA SER B 215 -10.23 -10.32 12.34
C SER B 215 -10.34 -11.79 11.88
N SER B 216 -11.36 -12.46 12.36
CA SER B 216 -11.56 -13.87 12.02
C SER B 216 -12.06 -14.07 10.59
N ASN B 217 -12.28 -12.96 9.87
CA ASN B 217 -13.10 -12.91 8.66
C ASN B 217 -13.14 -11.46 8.14
N ARG B 218 -13.18 -11.29 6.82
CA ARG B 218 -13.30 -9.95 6.19
C ARG B 218 -14.66 -9.30 6.48
N ASN B 219 -15.64 -10.10 6.85
CA ASN B 219 -17.02 -9.68 7.02
C ASN B 219 -17.34 -9.25 8.45
N MET B 220 -16.40 -9.45 9.40
CA MET B 220 -16.68 -9.08 10.77
C MET B 220 -17.09 -7.60 10.82
N PRO B 221 -18.10 -7.23 11.62
CA PRO B 221 -18.42 -5.80 11.84
C PRO B 221 -17.26 -4.95 12.38
N THR B 222 -16.37 -5.56 13.17
CA THR B 222 -15.14 -4.90 13.66
C THR B 222 -13.96 -5.05 12.68
N PHE B 223 -14.17 -5.53 11.46
CA PHE B 223 -13.07 -5.63 10.48
C PHE B 223 -12.37 -4.30 10.27
N ALA B 224 -11.03 -4.38 10.26
CA ALA B 224 -10.08 -3.30 9.98
C ALA B 224 -9.87 -2.43 11.23
N GLU B 225 -10.96 -1.98 11.84
CA GLU B 225 -10.88 -1.31 13.12
C GLU B 225 -10.12 -2.15 14.13
N TRP B 226 -10.41 -3.44 14.14
CA TRP B 226 -9.78 -4.43 15.04
C TRP B 226 -8.27 -4.44 14.84
N GLU B 227 -7.84 -4.64 13.61
CA GLU B 227 -6.42 -4.75 13.31
C GLU B 227 -5.72 -3.47 13.70
N ALA B 228 -6.34 -2.34 13.41
CA ALA B 228 -5.69 -1.05 13.71
C ALA B 228 -5.48 -0.88 15.22
N THR B 229 -6.53 -1.17 15.98
CA THR B 229 -6.43 -1.06 17.44
C THR B 229 -5.44 -2.04 18.03
N VAL B 230 -5.49 -3.29 17.54
CA VAL B 230 -4.65 -4.32 18.08
C VAL B 230 -3.18 -3.97 17.82
N LEU B 231 -2.86 -3.51 16.61
CA LEU B 231 -1.50 -3.15 16.27
C LEU B 231 -1.06 -1.90 17.02
N ASP B 232 -2.00 -1.00 17.26
CA ASP B 232 -1.71 0.19 18.06
C ASP B 232 -1.21 -0.19 19.46
N HIS B 233 -1.76 -1.29 20.00
CA HIS B 233 -1.35 -1.78 21.30
C HIS B 233 -0.15 -2.69 21.35
N THR B 234 0.23 -3.28 20.21
CA THR B 234 1.24 -4.34 20.19
C THR B 234 2.42 -4.13 19.26
N TYR B 235 2.41 -3.08 18.44
CA TYR B 235 3.30 -2.96 17.29
C TYR B 235 4.75 -3.29 17.61
N ASP B 236 5.28 -2.66 18.66
CA ASP B 236 6.71 -2.75 18.98
C ASP B 236 7.14 -4.13 19.49
N HIS B 237 6.20 -4.96 19.92
CA HIS B 237 6.53 -6.23 20.54
C HIS B 237 6.19 -7.43 19.69
N VAL B 238 5.56 -7.20 18.53
CA VAL B 238 5.13 -8.32 17.68
C VAL B 238 5.66 -8.24 16.28
N ASP B 239 5.44 -9.29 15.48
CA ASP B 239 6.13 -9.41 14.20
C ASP B 239 5.21 -9.60 13.00
N TYR B 240 4.05 -10.21 13.26
CA TYR B 240 3.04 -10.48 12.23
C TYR B 240 1.63 -10.26 12.76
N ILE B 241 0.72 -9.96 11.84
CA ILE B 241 -0.71 -9.95 12.10
C ILE B 241 -1.37 -11.00 11.22
N SER B 242 -2.31 -11.74 11.79
CA SER B 242 -2.97 -12.81 11.05
C SER B 242 -4.21 -12.37 10.28
N LEU B 243 -4.47 -13.10 9.21
CA LEU B 243 -5.73 -13.09 8.48
C LEU B 243 -6.25 -14.51 8.35
N HIS B 244 -7.56 -14.66 8.43
CA HIS B 244 -8.28 -15.91 8.23
C HIS B 244 -9.33 -15.72 7.13
N GLN B 245 -9.41 -16.69 6.21
CA GLN B 245 -10.44 -16.64 5.20
C GLN B 245 -10.84 -18.00 4.66
N TYR B 246 -12.14 -18.24 4.58
CA TYR B 246 -12.68 -19.44 3.95
C TYR B 246 -13.68 -19.05 2.88
N TYR B 247 -13.77 -19.87 1.83
CA TYR B 247 -14.72 -19.67 0.75
C TYR B 247 -15.53 -20.93 0.51
N GLY B 248 -16.64 -20.73 -0.16
CA GLY B 248 -17.50 -21.83 -0.57
C GLY B 248 -18.41 -21.45 -1.70
N ASN B 249 -18.92 -22.46 -2.41
CA ASN B 249 -19.80 -22.25 -3.54
C ASN B 249 -21.21 -22.68 -3.19
N ARG B 250 -21.83 -21.92 -2.30
CA ARG B 250 -23.15 -22.26 -1.76
C ARG B 250 -24.33 -21.90 -2.67
N ASP B 251 -24.09 -21.16 -3.75
CA ASP B 251 -25.16 -20.87 -4.73
C ASP B 251 -24.90 -21.45 -6.13
N ASN B 252 -24.06 -22.47 -6.21
CA ASN B 252 -23.69 -23.13 -7.45
C ASN B 252 -23.43 -22.17 -8.62
N ASP B 253 -22.55 -21.20 -8.37
CA ASP B 253 -22.16 -20.22 -9.36
C ASP B 253 -20.64 -20.30 -9.51
N THR B 254 -20.18 -21.15 -10.40
CA THR B 254 -18.76 -21.36 -10.64
C THR B 254 -17.96 -20.12 -11.06
N ALA B 255 -18.47 -19.36 -12.01
CA ALA B 255 -17.78 -18.16 -12.48
C ALA B 255 -17.55 -17.15 -11.37
N ASN B 256 -18.55 -16.99 -10.49
CA ASN B 256 -18.44 -16.10 -9.32
C ASN B 256 -17.50 -16.70 -8.27
N TYR B 257 -17.54 -18.02 -8.15
CA TYR B 257 -16.76 -18.73 -7.14
C TYR B 257 -15.28 -18.61 -7.42
N LEU B 258 -14.90 -18.74 -8.70
CA LEU B 258 -13.51 -18.69 -9.08
C LEU B 258 -12.92 -17.29 -9.02
N ALA B 259 -13.78 -16.26 -8.98
CA ALA B 259 -13.33 -14.88 -8.82
C ALA B 259 -13.01 -14.52 -7.36
N LEU B 260 -13.33 -15.40 -6.42
CA LEU B 260 -13.20 -15.05 -4.98
C LEU B 260 -11.77 -14.71 -4.54
N SER B 261 -10.77 -15.17 -5.28
CA SER B 261 -9.39 -14.81 -4.96
C SER B 261 -9.12 -13.30 -5.13
N LEU B 262 -9.92 -12.60 -5.95
CA LEU B 262 -9.82 -11.13 -6.06
C LEU B 262 -10.17 -10.46 -4.72
N GLU B 263 -11.14 -11.03 -4.02
CA GLU B 263 -11.45 -10.61 -2.68
C GLU B 263 -10.30 -10.88 -1.72
N MET B 264 -9.70 -12.06 -1.80
CA MET B 264 -8.56 -12.35 -0.95
C MET B 264 -7.43 -11.34 -1.17
N ASP B 265 -7.19 -10.98 -2.42
CA ASP B 265 -6.17 -10.01 -2.80
C ASP B 265 -6.47 -8.67 -2.14
N ASP B 266 -7.74 -8.27 -2.18
CA ASP B 266 -8.13 -7.00 -1.53
C ASP B 266 -7.98 -7.01 -0.01
N PHE B 267 -8.32 -8.14 0.61
CA PHE B 267 -8.21 -8.38 2.02
C PHE B 267 -6.72 -8.22 2.43
N ILE B 268 -5.83 -8.90 1.71
CA ILE B 268 -4.41 -8.77 2.00
C ILE B 268 -3.92 -7.32 1.89
N ARG B 269 -4.28 -6.65 0.80
CA ARG B 269 -3.85 -5.27 0.54
C ARG B 269 -4.35 -4.36 1.66
N SER B 270 -5.56 -4.65 2.10
CA SER B 270 -6.18 -3.90 3.20
C SER B 270 -5.46 -4.05 4.54
N VAL B 271 -5.11 -5.29 4.88
CA VAL B 271 -4.38 -5.53 6.11
C VAL B 271 -2.94 -4.97 6.07
N VAL B 272 -2.27 -5.06 4.91
CA VAL B 272 -0.96 -4.44 4.74
C VAL B 272 -1.08 -2.94 4.98
N ALA B 273 -2.13 -2.33 4.47
CA ALA B 273 -2.33 -0.88 4.63
C ALA B 273 -2.46 -0.55 6.10
N ILE B 274 -3.19 -1.37 6.83
CA ILE B 274 -3.39 -1.08 8.26
C ILE B 274 -2.05 -1.15 8.99
N ALA B 275 -1.23 -2.15 8.68
CA ALA B 275 0.07 -2.29 9.32
C ALA B 275 0.92 -1.07 9.07
N ASP B 276 0.90 -0.56 7.84
CA ASP B 276 1.69 0.60 7.47
C ASP B 276 1.15 1.92 8.03
N TYR B 277 -0.17 2.00 8.25
CA TYR B 277 -0.77 3.11 8.99
C TYR B 277 -0.18 3.13 10.38
N VAL B 278 -0.24 2.00 11.06
CA VAL B 278 0.23 1.99 12.44
C VAL B 278 1.75 2.20 12.54
N LYS B 279 2.51 1.65 11.60
CA LYS B 279 3.93 1.90 11.50
C LYS B 279 4.20 3.41 11.48
N ALA B 280 3.47 4.12 10.64
CA ALA B 280 3.66 5.57 10.53
C ALA B 280 3.24 6.30 11.82
N LYS B 281 2.12 5.89 12.42
CA LYS B 281 1.60 6.46 13.65
C LYS B 281 2.65 6.33 14.76
N LYS B 282 3.34 5.18 14.81
CA LYS B 282 4.39 4.90 15.80
C LYS B 282 5.77 5.47 15.45
N ARG B 283 5.94 5.91 14.20
CA ARG B 283 7.25 6.29 13.66
C ARG B 283 8.25 5.16 13.80
N SER B 284 7.78 3.94 13.62
CA SER B 284 8.62 2.77 13.77
C SER B 284 9.38 2.51 12.46
N LYS B 285 10.59 1.96 12.58
CA LYS B 285 11.38 1.48 11.46
C LYS B 285 11.09 0.02 11.11
N LYS B 286 10.31 -0.65 11.95
CA LYS B 286 10.04 -2.07 11.78
C LYS B 286 8.78 -2.22 10.95
N THR B 287 8.80 -3.13 9.99
CA THR B 287 7.63 -3.43 9.19
C THR B 287 6.99 -4.69 9.72
N ILE B 288 5.68 -4.65 9.91
CA ILE B 288 4.91 -5.83 10.31
C ILE B 288 4.44 -6.56 9.07
N HIS B 289 4.55 -7.88 9.07
CA HIS B 289 4.10 -8.67 7.95
C HIS B 289 2.88 -9.49 8.33
N LEU B 290 2.36 -10.24 7.38
CA LEU B 290 1.10 -10.95 7.52
C LEU B 290 1.35 -12.45 7.62
N SER B 291 0.57 -13.10 8.49
CA SER B 291 0.48 -14.53 8.56
C SER B 291 -0.93 -14.91 8.19
N PHE B 292 -1.11 -15.48 7.00
CA PHE B 292 -2.42 -15.85 6.54
C PHE B 292 -2.70 -17.23 7.10
N ASP B 293 -2.93 -17.31 8.41
CA ASP B 293 -2.71 -18.57 9.09
C ASP B 293 -3.96 -19.46 9.22
N GLU B 294 -5.06 -19.05 8.58
CA GLU B 294 -6.10 -19.99 8.14
C GLU B 294 -6.63 -19.60 6.77
N TRP B 295 -6.52 -20.52 5.81
CA TRP B 295 -7.20 -20.33 4.54
C TRP B 295 -7.56 -21.68 3.93
N ASN B 296 -8.71 -21.73 3.25
CA ASN B 296 -9.16 -22.90 2.48
C ASN B 296 -10.56 -22.67 1.93
N VAL B 297 -11.01 -23.62 1.11
CA VAL B 297 -12.40 -23.89 0.89
C VAL B 297 -12.98 -24.60 2.11
N TRP B 298 -14.13 -24.14 2.58
CA TRP B 298 -14.85 -24.81 3.64
C TRP B 298 -16.36 -24.53 3.49
N TYR B 299 -17.10 -25.57 3.15
CA TYR B 299 -18.57 -25.47 3.11
C TYR B 299 -19.32 -26.81 2.95
N HIS B 300 -18.75 -27.75 2.19
CA HIS B 300 -19.47 -29.02 1.92
C HIS B 300 -20.06 -29.73 3.13
N SER B 301 -19.33 -29.74 4.25
CA SER B 301 -19.70 -30.54 5.41
C SER B 301 -20.61 -29.85 6.46
N ASN B 302 -21.08 -28.63 6.18
CA ASN B 302 -21.88 -27.85 7.13
C ASN B 302 -23.16 -28.58 7.65
N GLU B 303 -23.95 -29.12 6.74
CA GLU B 303 -25.20 -29.81 7.15
C GLU B 303 -24.95 -31.07 7.96
N ALA B 304 -23.97 -31.87 7.55
CA ALA B 304 -23.65 -33.11 8.25
C ALA B 304 -23.23 -32.89 9.71
N ASP B 305 -22.43 -31.84 9.92
CA ASP B 305 -21.93 -31.52 11.26
C ASP B 305 -23.04 -31.17 12.24
N LYS B 306 -24.15 -30.64 11.74
CA LYS B 306 -25.29 -30.31 12.60
C LYS B 306 -25.94 -31.52 13.26
N LEU B 307 -25.72 -32.70 12.71
CA LEU B 307 -26.29 -33.92 13.27
C LEU B 307 -25.44 -34.55 14.38
N ILE B 308 -24.19 -34.11 14.55
CA ILE B 308 -23.29 -34.70 15.54
C ILE B 308 -23.71 -34.35 16.95
N GLU B 309 -23.87 -35.39 17.77
CA GLU B 309 -24.24 -35.23 19.17
C GLU B 309 -23.02 -34.76 19.95
N PRO B 310 -23.20 -33.87 20.93
CA PRO B 310 -22.06 -33.42 21.75
C PRO B 310 -21.44 -34.47 22.64
N TRP B 311 -20.17 -34.25 22.98
CA TRP B 311 -19.46 -34.96 24.04
C TRP B 311 -19.00 -36.37 23.68
N THR B 312 -18.75 -36.59 22.40
CA THR B 312 -18.00 -37.77 21.96
C THR B 312 -16.52 -37.44 21.86
N VAL B 313 -15.72 -38.48 21.67
CA VAL B 313 -14.31 -38.38 21.42
C VAL B 313 -14.07 -38.45 19.92
N ALA B 314 -13.33 -37.47 19.41
CA ALA B 314 -12.93 -37.42 18.01
C ALA B 314 -14.09 -37.63 17.00
N PRO B 315 -15.10 -36.76 17.02
CA PRO B 315 -16.19 -36.87 16.04
C PRO B 315 -15.74 -36.47 14.63
N PRO B 316 -16.40 -36.96 13.58
CA PRO B 316 -16.02 -36.67 12.19
C PRO B 316 -16.46 -35.31 11.64
N LEU B 317 -15.91 -34.25 12.25
CA LEU B 317 -16.31 -32.87 12.00
C LEU B 317 -15.48 -32.26 10.87
N LEU B 318 -16.11 -31.37 10.10
CA LEU B 318 -15.45 -30.52 9.10
C LEU B 318 -14.85 -31.32 7.92
N GLU B 319 -15.44 -32.48 7.66
CA GLU B 319 -14.87 -33.41 6.68
C GLU B 319 -15.41 -33.11 5.29
N ASP B 320 -15.10 -31.91 4.82
CA ASP B 320 -15.35 -31.53 3.43
C ASP B 320 -14.70 -32.54 2.47
N ILE B 321 -15.45 -32.89 1.43
CA ILE B 321 -14.94 -33.68 0.32
C ILE B 321 -14.86 -32.76 -0.87
N TYR B 322 -13.64 -32.41 -1.27
CA TYR B 322 -13.46 -31.40 -2.27
C TYR B 322 -13.63 -31.93 -3.68
N ASN B 323 -14.00 -31.02 -4.55
CA ASN B 323 -14.20 -31.29 -5.97
C ASN B 323 -13.19 -30.52 -6.79
N PHE B 324 -13.31 -30.61 -8.10
CA PHE B 324 -12.32 -30.04 -8.98
C PHE B 324 -12.31 -28.50 -8.96
N GLU B 325 -13.47 -27.86 -9.03
CA GLU B 325 -13.51 -26.40 -9.00
C GLU B 325 -12.87 -25.90 -7.70
N ASP B 326 -13.02 -26.64 -6.60
CA ASP B 326 -12.39 -26.25 -5.33
C ASP B 326 -10.87 -26.21 -5.51
N ALA B 327 -10.32 -27.18 -6.23
CA ALA B 327 -8.88 -27.15 -6.51
C ALA B 327 -8.47 -25.98 -7.34
N LEU B 328 -9.30 -25.54 -8.30
CA LEU B 328 -9.01 -24.37 -9.09
C LEU B 328 -8.98 -23.12 -8.21
N LEU B 329 -9.91 -23.03 -7.27
CA LEU B 329 -9.93 -21.86 -6.39
C LEU B 329 -8.73 -21.88 -5.45
N VAL B 330 -8.45 -23.03 -4.87
CA VAL B 330 -7.21 -23.21 -4.10
C VAL B 330 -6.00 -22.74 -4.91
N GLY B 331 -5.92 -23.12 -6.20
CA GLY B 331 -4.84 -22.66 -7.07
C GLY B 331 -4.76 -21.14 -7.17
N CYS B 332 -5.92 -20.51 -7.35
CA CYS B 332 -6.04 -19.05 -7.41
C CYS B 332 -5.61 -18.39 -6.09
N MET B 333 -5.94 -19.01 -4.97
CA MET B 333 -5.56 -18.52 -3.64
C MET B 333 -4.04 -18.63 -3.47
N LEU B 334 -3.44 -19.71 -3.95
CA LEU B 334 -1.99 -19.85 -3.84
C LEU B 334 -1.25 -18.83 -4.66
N ILE B 335 -1.73 -18.56 -5.87
CA ILE B 335 -1.16 -17.53 -6.72
C ILE B 335 -1.31 -16.17 -6.05
N THR B 336 -2.42 -15.98 -5.37
CA THR B 336 -2.66 -14.72 -4.67
C THR B 336 -1.65 -14.52 -3.52
N LEU B 337 -1.35 -15.59 -2.81
CA LEU B 337 -0.34 -15.53 -1.76
C LEU B 337 1.03 -15.19 -2.36
N MET B 338 1.40 -15.85 -3.45
CA MET B 338 2.69 -15.58 -4.09
C MET B 338 2.82 -14.12 -4.57
N LYS B 339 1.71 -13.59 -5.09
CA LYS B 339 1.64 -12.24 -5.59
C LYS B 339 1.90 -11.23 -4.48
N HIS B 340 1.69 -11.65 -3.23
CA HIS B 340 1.97 -10.81 -2.08
C HIS B 340 3.11 -11.32 -1.23
N ALA B 341 4.08 -11.97 -1.88
CA ALA B 341 5.25 -12.50 -1.17
C ALA B 341 6.04 -11.44 -0.42
N ASP B 342 5.89 -10.20 -0.84
CA ASP B 342 6.60 -9.10 -0.18
C ASP B 342 6.14 -8.87 1.25
N ARG B 343 4.88 -9.15 1.55
CA ARG B 343 4.30 -8.91 2.86
C ARG B 343 3.62 -10.09 3.56
N VAL B 344 3.29 -11.15 2.83
CA VAL B 344 2.72 -12.37 3.46
C VAL B 344 3.89 -13.33 3.56
N LYS B 345 4.33 -13.59 4.79
CA LYS B 345 5.52 -14.38 5.09
C LYS B 345 5.21 -15.78 5.63
N ILE B 346 3.99 -15.97 6.14
CA ILE B 346 3.50 -17.24 6.67
C ILE B 346 2.08 -17.39 6.17
N ALA B 347 1.70 -18.62 5.81
CA ALA B 347 0.31 -18.95 5.48
C ALA B 347 0.08 -20.40 5.84
N CYS B 348 -1.15 -20.70 6.28
CA CYS B 348 -1.49 -22.03 6.72
C CYS B 348 -2.77 -22.51 6.08
N LEU B 349 -2.63 -23.48 5.18
CA LEU B 349 -3.81 -24.21 4.70
C LEU B 349 -4.48 -24.87 5.91
N ALA B 350 -5.74 -24.51 6.14
CA ALA B 350 -6.52 -25.01 7.26
C ALA B 350 -7.48 -26.05 6.73
N GLN B 351 -7.31 -27.32 7.06
CA GLN B 351 -6.25 -27.84 7.93
C GLN B 351 -5.61 -29.03 7.20
N LEU B 352 -4.67 -29.72 7.85
CA LEU B 352 -3.79 -30.62 7.10
C LEU B 352 -4.34 -32.03 6.92
N VAL B 353 -5.06 -32.55 7.94
CA VAL B 353 -5.54 -33.94 7.94
C VAL B 353 -6.98 -34.02 8.44
N ASN B 354 -7.83 -34.61 7.61
CA ASN B 354 -9.28 -34.90 7.84
C ASN B 354 -10.18 -33.68 7.91
N VAL B 355 -9.75 -32.68 8.67
CA VAL B 355 -10.53 -31.48 8.87
C VAL B 355 -10.19 -30.50 7.75
N ILE B 356 -11.18 -30.23 6.89
CA ILE B 356 -11.12 -29.36 5.73
C ILE B 356 -9.71 -29.46 5.10
N ALA B 357 -9.40 -30.68 4.63
CA ALA B 357 -8.02 -31.10 4.50
C ALA B 357 -7.67 -31.68 3.12
N PRO B 358 -6.42 -31.53 2.71
CA PRO B 358 -5.96 -32.18 1.46
C PRO B 358 -5.72 -33.69 1.60
N ILE B 359 -5.63 -34.19 2.83
CA ILE B 359 -5.32 -35.56 3.14
C ILE B 359 -6.46 -36.09 3.99
N MET B 360 -7.08 -37.19 3.57
CA MET B 360 -8.14 -37.81 4.35
C MET B 360 -7.77 -39.25 4.68
N THR B 361 -8.20 -39.71 5.86
CA THR B 361 -8.00 -41.08 6.28
C THR B 361 -9.30 -41.82 6.61
N GLU B 362 -9.22 -43.15 6.51
CA GLU B 362 -10.23 -44.06 7.06
C GLU B 362 -9.62 -44.86 8.17
N LYS B 363 -10.42 -45.15 9.19
CA LYS B 363 -9.98 -45.91 10.36
C LYS B 363 -9.61 -47.31 9.91
N ASN B 364 -8.44 -47.78 10.30
CA ASN B 364 -7.93 -49.11 9.94
C ASN B 364 -7.83 -49.27 8.43
N GLY B 365 -7.76 -48.12 7.74
CA GLY B 365 -7.83 -48.08 6.30
C GLY B 365 -6.90 -47.07 5.68
N PRO B 366 -7.13 -46.76 4.41
CA PRO B 366 -6.19 -45.96 3.62
C PRO B 366 -6.24 -44.46 3.91
N ALA B 367 -5.20 -43.77 3.44
CA ALA B 367 -5.14 -42.31 3.43
C ALA B 367 -5.06 -41.92 1.98
N TRP B 368 -5.77 -40.87 1.61
CA TRP B 368 -5.88 -40.47 0.22
C TRP B 368 -5.81 -38.96 0.03
N LYS B 369 -5.59 -38.58 -1.22
CA LYS B 369 -5.32 -37.20 -1.61
C LYS B 369 -6.57 -36.57 -2.19
N GLN B 370 -7.06 -35.53 -1.53
CA GLN B 370 -8.16 -34.76 -2.11
C GLN B 370 -7.72 -33.95 -3.34
N THR B 371 -8.70 -33.49 -4.12
CA THR B 371 -8.44 -32.65 -5.30
C THR B 371 -7.49 -31.51 -4.98
N ILE B 372 -7.68 -30.86 -3.84
CA ILE B 372 -6.90 -29.68 -3.48
C ILE B 372 -5.44 -29.98 -3.13
N TYR B 373 -5.12 -31.24 -2.86
CA TYR B 373 -3.76 -31.67 -2.54
C TYR B 373 -2.83 -31.25 -3.69
N TYR B 374 -3.31 -31.41 -4.93
CA TYR B 374 -2.44 -31.25 -6.09
C TYR B 374 -1.94 -29.85 -6.32
N PRO B 375 -2.81 -28.83 -6.42
CA PRO B 375 -2.26 -27.46 -6.58
C PRO B 375 -1.39 -27.03 -5.39
N PHE B 376 -1.71 -27.47 -4.19
CA PHE B 376 -0.91 -27.14 -3.03
C PHE B 376 0.48 -27.77 -3.17
N MET B 377 0.51 -29.05 -3.51
CA MET B 377 1.80 -29.72 -3.70
C MET B 377 2.59 -28.98 -4.79
N HIS B 378 1.95 -28.60 -5.90
CA HIS B 378 2.71 -27.98 -7.01
C HIS B 378 3.30 -26.66 -6.57
N ALA B 379 2.48 -25.90 -5.85
CA ALA B 379 2.90 -24.59 -5.37
C ALA B 379 4.07 -24.71 -4.38
N SER B 380 3.99 -25.66 -3.46
CA SER B 380 5.00 -25.80 -2.43
C SER B 380 6.32 -26.28 -3.04
N VAL B 381 6.22 -27.24 -3.94
CA VAL B 381 7.41 -27.88 -4.49
C VAL B 381 8.07 -27.00 -5.54
N TYR B 382 7.30 -26.41 -6.43
CA TYR B 382 7.86 -25.60 -7.52
C TYR B 382 7.85 -24.09 -7.29
N GLY B 383 7.23 -23.62 -6.20
CA GLY B 383 7.09 -22.19 -5.97
C GLY B 383 8.03 -21.58 -4.97
N ARG B 384 9.27 -22.09 -4.93
CA ARG B 384 10.32 -21.55 -4.08
C ARG B 384 11.18 -20.69 -4.99
N GLY B 385 11.53 -19.50 -4.49
CA GLY B 385 12.34 -18.57 -5.23
C GLY B 385 11.76 -17.16 -5.12
N VAL B 386 11.87 -16.37 -6.18
CA VAL B 386 11.45 -14.96 -6.19
C VAL B 386 10.19 -14.85 -7.02
N ALA B 387 9.13 -14.30 -6.42
CA ALA B 387 7.94 -13.96 -7.17
C ALA B 387 8.19 -12.75 -8.05
N LEU B 388 7.90 -12.91 -9.33
CA LEU B 388 8.06 -11.86 -10.30
C LEU B 388 6.75 -11.08 -10.46
N HIS B 389 6.88 -9.78 -10.70
CA HIS B 389 5.73 -8.93 -10.90
C HIS B 389 5.06 -9.33 -12.22
N PRO B 390 3.80 -9.75 -12.18
CA PRO B 390 3.09 -10.13 -13.40
C PRO B 390 2.63 -8.90 -14.17
N VAL B 391 2.99 -8.85 -15.42
CA VAL B 391 2.50 -7.87 -16.36
C VAL B 391 1.66 -8.63 -17.36
N ILE B 392 0.35 -8.56 -17.20
CA ILE B 392 -0.50 -9.39 -18.02
C ILE B 392 -1.62 -8.66 -18.69
N SER B 393 -1.96 -9.13 -19.89
CA SER B 393 -3.11 -8.65 -20.61
C SER B 393 -4.01 -9.85 -20.88
N SER B 394 -5.13 -9.89 -20.18
CA SER B 394 -6.09 -11.00 -20.26
C SER B 394 -7.48 -10.46 -20.61
N PRO B 395 -8.29 -11.26 -21.29
CA PRO B 395 -9.71 -10.94 -21.40
C PRO B 395 -10.37 -11.13 -20.05
N LYS B 396 -11.58 -10.61 -19.87
CA LYS B 396 -12.19 -10.54 -18.57
C LYS B 396 -13.70 -10.76 -18.63
N TYR B 397 -14.28 -11.06 -17.49
CA TYR B 397 -15.72 -11.24 -17.38
C TYR B 397 -16.28 -10.61 -16.12
N ASP B 398 -17.60 -10.44 -16.09
CA ASP B 398 -18.30 -9.98 -14.89
C ASP B 398 -19.08 -11.12 -14.31
N SER B 399 -19.14 -11.16 -12.98
CA SER B 399 -19.96 -12.12 -12.25
C SER B 399 -20.90 -11.39 -11.28
N LYS B 400 -21.63 -12.14 -10.48
CA LYS B 400 -22.55 -11.58 -9.47
C LYS B 400 -21.89 -10.53 -8.55
N ASP B 401 -20.69 -10.83 -8.05
CA ASP B 401 -20.06 -10.03 -7.02
C ASP B 401 -18.79 -9.31 -7.45
N PHE B 402 -18.32 -9.59 -8.67
CA PHE B 402 -17.04 -9.06 -9.13
C PHE B 402 -17.13 -8.55 -10.54
N THR B 403 -16.37 -7.50 -10.82
CA THR B 403 -16.30 -6.93 -12.15
C THR B 403 -14.86 -7.01 -12.69
N ASP B 404 -14.74 -7.15 -14.01
CA ASP B 404 -13.45 -7.22 -14.67
C ASP B 404 -12.57 -8.36 -14.09
N VAL B 405 -13.16 -9.53 -13.91
CA VAL B 405 -12.43 -10.75 -13.50
C VAL B 405 -11.58 -11.29 -14.67
N PRO B 406 -10.26 -11.30 -14.54
CA PRO B 406 -9.40 -11.82 -15.61
C PRO B 406 -9.63 -13.31 -15.73
N TYR B 407 -9.74 -13.80 -16.95
CA TYR B 407 -9.85 -15.23 -17.18
C TYR B 407 -8.55 -15.89 -16.70
N LEU B 408 -7.42 -15.21 -16.85
CA LEU B 408 -6.09 -15.69 -16.43
C LEU B 408 -5.73 -15.19 -15.03
N GLU B 409 -5.48 -16.13 -14.12
CA GLU B 409 -4.83 -15.89 -12.84
C GLU B 409 -3.45 -16.55 -12.96
N SER B 410 -2.39 -15.77 -12.88
CA SER B 410 -1.04 -16.29 -13.08
C SER B 410 0.06 -15.48 -12.38
N ILE B 411 1.15 -16.17 -12.06
CA ILE B 411 2.40 -15.57 -11.60
C ILE B 411 3.54 -16.52 -11.95
N ALA B 412 4.71 -15.96 -12.20
CA ALA B 412 5.93 -16.73 -12.37
C ALA B 412 6.82 -16.57 -11.17
N VAL B 413 7.55 -17.65 -10.84
CA VAL B 413 8.47 -17.69 -9.73
C VAL B 413 9.83 -18.12 -10.27
N TYR B 414 10.85 -17.32 -10.01
CA TYR B 414 12.19 -17.53 -10.55
C TYR B 414 13.08 -18.05 -9.44
N ASN B 415 13.58 -19.27 -9.62
CA ASN B 415 14.54 -19.86 -8.68
C ASN B 415 15.93 -19.86 -9.33
N GLU B 416 16.75 -18.94 -8.87
CA GLU B 416 18.03 -18.65 -9.49
C GLU B 416 19.05 -19.72 -9.16
N GLU B 417 18.94 -20.31 -7.98
CA GLU B 417 19.81 -21.43 -7.62
C GLU B 417 19.52 -22.70 -8.45
N LYS B 418 18.27 -22.94 -8.78
CA LYS B 418 17.92 -24.10 -9.60
C LYS B 418 17.94 -23.74 -11.09
N GLU B 419 18.10 -22.45 -11.39
CA GLU B 419 17.96 -21.88 -12.73
C GLU B 419 16.64 -22.35 -13.34
N GLU B 420 15.56 -22.11 -12.62
CA GLU B 420 14.23 -22.49 -13.08
C GLU B 420 13.29 -21.30 -12.99
N VAL B 421 12.31 -21.27 -13.88
CA VAL B 421 11.18 -20.33 -13.77
C VAL B 421 9.91 -21.14 -13.87
N THR B 422 9.01 -21.00 -12.91
CA THR B 422 7.77 -21.77 -12.92
C THR B 422 6.59 -20.80 -13.09
N ILE B 423 5.76 -21.02 -14.10
CA ILE B 423 4.55 -20.22 -14.30
C ILE B 423 3.36 -21.02 -13.79
N PHE B 424 2.69 -20.51 -12.76
CA PHE B 424 1.44 -21.07 -12.27
C PHE B 424 0.32 -20.34 -12.97
N ALA B 425 -0.64 -21.06 -13.53
CA ALA B 425 -1.75 -20.37 -14.25
C ALA B 425 -3.06 -21.12 -14.18
N VAL B 426 -4.11 -20.40 -13.79
CA VAL B 426 -5.47 -20.92 -13.87
C VAL B 426 -6.16 -20.23 -15.03
N ASN B 427 -6.88 -21.00 -15.84
CA ASN B 427 -7.82 -20.43 -16.80
C ASN B 427 -9.21 -20.64 -16.21
N ARG B 428 -9.86 -19.54 -15.84
CA ARG B 428 -11.18 -19.59 -15.20
C ARG B 428 -12.31 -19.77 -16.22
N ASP B 429 -11.99 -19.65 -17.48
CA ASP B 429 -13.00 -19.70 -18.56
C ASP B 429 -13.75 -21.03 -18.53
N MET B 430 -15.07 -20.98 -18.44
CA MET B 430 -15.87 -22.21 -18.37
C MET B 430 -16.11 -22.88 -19.73
N GLU B 431 -15.76 -22.22 -20.83
CA GLU B 431 -16.02 -22.75 -22.19
C GLU B 431 -14.80 -22.84 -23.10
N ASP B 432 -13.93 -21.84 -23.04
CA ASP B 432 -12.86 -21.70 -24.01
C ASP B 432 -11.47 -21.90 -23.40
N ALA B 433 -10.60 -22.51 -24.19
CA ALA B 433 -9.19 -22.50 -23.91
C ALA B 433 -8.63 -21.06 -24.01
N LEU B 434 -7.57 -20.80 -23.25
CA LEU B 434 -6.85 -19.55 -23.34
C LEU B 434 -5.47 -19.84 -23.94
N LEU B 435 -5.10 -19.13 -25.00
CA LEU B 435 -3.79 -19.25 -25.62
C LEU B 435 -2.88 -18.23 -24.96
N LEU B 436 -2.03 -18.70 -24.05
CA LEU B 436 -1.11 -17.82 -23.31
C LEU B 436 0.20 -17.62 -24.07
N GLU B 437 0.64 -16.37 -24.23
CA GLU B 437 1.97 -16.11 -24.76
C GLU B 437 2.76 -15.36 -23.72
N CYS B 438 3.88 -15.94 -23.31
CA CYS B 438 4.76 -15.36 -22.30
C CYS B 438 6.05 -14.86 -22.91
N ASP B 439 6.32 -13.56 -22.78
CA ASP B 439 7.57 -13.01 -23.21
C ASP B 439 8.67 -13.41 -22.21
N VAL B 440 9.62 -14.24 -22.66
CA VAL B 440 10.73 -14.74 -21.81
C VAL B 440 12.10 -14.29 -22.31
N ARG B 441 12.15 -13.14 -22.99
CA ARG B 441 13.42 -12.54 -23.44
C ARG B 441 14.48 -12.43 -22.34
N SER B 442 14.07 -12.11 -21.11
CA SER B 442 15.04 -11.90 -20.03
C SER B 442 15.64 -13.22 -19.50
N PHE B 443 15.10 -14.34 -19.96
CA PHE B 443 15.59 -15.66 -19.58
C PHE B 443 16.19 -16.38 -20.79
N GLU B 444 17.39 -15.93 -21.16
CA GLU B 444 18.16 -16.50 -22.28
C GLU B 444 18.48 -17.97 -22.00
N ASP B 445 18.32 -18.81 -23.02
CA ASP B 445 18.65 -20.25 -22.93
C ASP B 445 17.74 -21.06 -22.02
N TYR B 446 16.61 -20.49 -21.62
CA TYR B 446 15.63 -21.29 -20.90
C TYR B 446 14.76 -22.07 -21.88
N ARG B 447 14.48 -23.33 -21.54
CA ARG B 447 13.58 -24.16 -22.33
C ARG B 447 12.45 -24.68 -21.45
N VAL B 448 11.42 -25.24 -22.09
CA VAL B 448 10.34 -25.87 -21.37
C VAL B 448 10.81 -27.23 -20.87
N ILE B 449 10.61 -27.47 -19.59
CA ILE B 449 10.92 -28.71 -18.94
C ILE B 449 9.65 -29.55 -18.96
N GLU B 450 8.55 -28.98 -18.49
CA GLU B 450 7.28 -29.69 -18.43
C GLU B 450 6.10 -28.75 -18.30
N HIS B 451 4.92 -29.23 -18.67
CA HIS B 451 3.69 -28.45 -18.52
C HIS B 451 2.65 -29.38 -17.90
N ILE B 452 2.42 -29.20 -16.60
CA ILE B 452 1.48 -30.00 -15.82
C ILE B 452 0.11 -29.35 -15.90
N VAL B 453 -0.91 -30.19 -16.01
CA VAL B 453 -2.30 -29.73 -16.12
C VAL B 453 -3.22 -30.51 -15.17
N LEU B 454 -4.02 -29.78 -14.38
CA LEU B 454 -5.08 -30.38 -13.60
C LEU B 454 -6.40 -29.90 -14.24
N GLU B 455 -7.15 -30.83 -14.80
CA GLU B 455 -8.40 -30.51 -15.46
C GLU B 455 -9.34 -31.68 -15.33
N HIS B 456 -10.62 -31.36 -15.33
CA HIS B 456 -11.65 -32.40 -15.32
C HIS B 456 -12.94 -31.81 -15.84
N ASP B 457 -13.65 -32.56 -16.69
CA ASP B 457 -14.84 -32.02 -17.34
C ASP B 457 -16.00 -31.67 -16.38
N ASN B 458 -16.07 -32.35 -15.24
CA ASN B 458 -17.10 -32.10 -14.24
C ASN B 458 -16.44 -31.39 -13.05
N VAL B 459 -16.77 -30.11 -12.85
CA VAL B 459 -16.25 -29.38 -11.68
C VAL B 459 -16.67 -29.95 -10.33
N LYS B 460 -17.79 -30.68 -10.27
CA LYS B 460 -18.26 -31.27 -9.03
C LYS B 460 -17.66 -32.63 -8.73
N GLN B 461 -16.78 -33.13 -9.59
CA GLN B 461 -16.15 -34.43 -9.35
C GLN B 461 -15.16 -34.36 -8.19
N THR B 462 -15.26 -35.35 -7.31
CA THR B 462 -14.38 -35.49 -6.17
C THR B 462 -13.50 -36.73 -6.34
N ASN B 463 -12.52 -36.83 -5.46
CA ASN B 463 -11.73 -38.03 -5.29
C ASN B 463 -12.25 -38.74 -4.04
N SER B 464 -11.77 -39.95 -3.79
CA SER B 464 -12.22 -40.74 -2.67
C SER B 464 -11.16 -41.80 -2.39
N ALA B 465 -11.35 -42.59 -1.35
CA ALA B 465 -10.37 -43.62 -1.04
C ALA B 465 -10.36 -44.69 -2.14
N GLN B 466 -11.46 -44.83 -2.86
CA GLN B 466 -11.61 -45.90 -3.86
C GLN B 466 -11.14 -45.52 -5.27
N SER B 467 -11.16 -44.23 -5.60
CA SER B 467 -10.62 -43.77 -6.87
C SER B 467 -10.42 -42.27 -6.91
N SER B 468 -9.48 -41.88 -7.75
CA SER B 468 -9.10 -40.49 -7.94
C SER B 468 -9.16 -40.11 -9.40
N PRO B 469 -10.36 -39.80 -9.87
CA PRO B 469 -10.53 -39.28 -11.24
C PRO B 469 -9.90 -37.90 -11.52
N VAL B 470 -9.65 -37.13 -10.45
CA VAL B 470 -9.14 -35.77 -10.57
C VAL B 470 -7.67 -35.80 -10.16
N VAL B 471 -6.82 -35.95 -11.16
CA VAL B 471 -5.38 -36.05 -10.93
C VAL B 471 -4.63 -35.35 -12.07
N PRO B 472 -3.44 -34.85 -11.78
CA PRO B 472 -2.66 -34.14 -12.79
C PRO B 472 -2.14 -35.06 -13.91
N HIS B 473 -1.97 -34.47 -15.08
CA HIS B 473 -1.23 -35.09 -16.19
C HIS B 473 -0.18 -34.12 -16.73
N ARG B 474 0.69 -34.62 -17.60
CA ARG B 474 1.80 -33.83 -18.09
C ARG B 474 1.71 -33.60 -19.58
N ASN B 475 0.48 -33.53 -20.11
CA ASN B 475 0.28 -33.39 -21.55
C ASN B 475 0.04 -31.97 -21.97
N GLY B 476 0.50 -31.01 -21.16
CA GLY B 476 0.41 -29.64 -21.58
C GLY B 476 1.33 -29.34 -22.75
N ASP B 477 0.89 -28.44 -23.62
CA ASP B 477 1.58 -28.19 -24.89
C ASP B 477 2.55 -27.01 -24.91
N ALA B 478 2.90 -26.48 -23.74
CA ALA B 478 3.81 -25.33 -23.69
C ALA B 478 5.08 -25.56 -24.51
N GLN B 479 5.45 -24.57 -25.32
CA GLN B 479 6.61 -24.66 -26.19
C GLN B 479 7.30 -23.31 -26.32
N LEU B 480 8.64 -23.33 -26.36
CA LEU B 480 9.46 -22.13 -26.57
C LEU B 480 9.72 -21.94 -28.05
N SER B 481 9.60 -20.71 -28.51
CA SER B 481 9.93 -20.36 -29.88
C SER B 481 10.17 -18.87 -29.95
N ASP B 482 11.38 -18.50 -30.38
CA ASP B 482 11.73 -17.09 -30.55
C ASP B 482 11.45 -16.28 -29.28
N ARG B 483 12.02 -16.74 -28.16
CA ARG B 483 11.98 -16.03 -26.88
C ARG B 483 10.56 -15.84 -26.31
N LYS B 484 9.65 -16.73 -26.69
CA LYS B 484 8.22 -16.64 -26.35
C LYS B 484 7.74 -18.05 -25.98
N VAL B 485 7.18 -18.22 -24.78
CA VAL B 485 6.55 -19.49 -24.43
C VAL B 485 5.07 -19.39 -24.77
N SER B 486 4.60 -20.27 -25.66
CA SER B 486 3.18 -20.33 -26.00
C SER B 486 2.59 -21.59 -25.39
N ALA B 487 1.47 -21.46 -24.71
CA ALA B 487 0.83 -22.59 -24.08
C ALA B 487 -0.67 -22.45 -24.17
N THR B 488 -1.35 -23.55 -24.45
CA THR B 488 -2.79 -23.64 -24.39
C THR B 488 -3.20 -24.02 -22.97
N LEU B 489 -4.00 -23.17 -22.33
CA LEU B 489 -4.53 -23.47 -21.03
C LEU B 489 -5.96 -23.90 -21.26
N PRO B 490 -6.24 -25.18 -21.10
CA PRO B 490 -7.61 -25.67 -21.34
C PRO B 490 -8.63 -24.92 -20.50
N LYS B 491 -9.88 -24.95 -20.94
CA LYS B 491 -10.97 -24.39 -20.13
C LYS B 491 -10.90 -24.98 -18.71
N LEU B 492 -11.18 -24.14 -17.71
CA LEU B 492 -11.19 -24.56 -16.31
C LEU B 492 -10.00 -25.47 -15.97
N SER B 493 -8.80 -24.91 -16.05
CA SER B 493 -7.60 -25.68 -15.70
C SER B 493 -6.63 -24.96 -14.78
N TRP B 494 -5.88 -25.78 -14.04
CA TRP B 494 -4.68 -25.36 -13.32
C TRP B 494 -3.49 -25.87 -14.08
N ASN B 495 -2.51 -24.99 -14.27
CA ASN B 495 -1.35 -25.26 -15.11
C ASN B 495 -0.05 -24.93 -14.40
N VAL B 496 0.96 -25.78 -14.52
CA VAL B 496 2.28 -25.51 -13.97
C VAL B 496 3.23 -25.67 -15.13
N ILE B 497 3.73 -24.55 -15.65
CA ILE B 497 4.64 -24.54 -16.80
C ILE B 497 6.04 -24.29 -16.28
N ARG B 498 6.86 -25.33 -16.30
CA ARG B 498 8.20 -25.27 -15.76
C ARG B 498 9.26 -25.07 -16.86
N LEU B 499 10.14 -24.08 -16.64
CA LEU B 499 11.20 -23.69 -17.54
C LEU B 499 12.55 -23.81 -16.82
N GLY B 500 13.59 -24.16 -17.56
CA GLY B 500 14.92 -24.26 -16.99
C GLY B 500 16.06 -24.07 -17.96
N LYS B 501 17.20 -23.65 -17.41
CA LYS B 501 18.52 -23.50 -18.05
C LYS B 501 18.94 -22.04 -18.19
C1 GOL C . 3.10 28.69 3.51
O1 GOL C . 2.60 28.03 2.39
C2 GOL C . 2.28 28.38 4.76
O2 GOL C . 1.93 27.05 5.00
C3 GOL C . 2.99 28.89 5.99
O3 GOL C . 2.91 27.95 7.04
C1 GOL D . -11.27 -24.38 11.34
O1 GOL D . -9.90 -24.21 11.02
C2 GOL D . -11.76 -23.35 12.36
O2 GOL D . -11.31 -22.04 12.17
C3 GOL D . -13.28 -23.37 12.47
O3 GOL D . -13.86 -22.11 12.76
#